data_1WYD
#
_entry.id   1WYD
#
_cell.length_a   116.300
_cell.length_b   139.250
_cell.length_c   75.300
_cell.angle_alpha   90.00
_cell.angle_beta   90.00
_cell.angle_gamma   90.00
#
_symmetry.space_group_name_H-M   'P 21 21 2'
#
loop_
_entity.id
_entity.type
_entity.pdbx_description
1 polymer 'hypothetical aspartyl-tRNA synthetase'
2 non-polymer 'CHLORIDE ION'
3 non-polymer 'SULFATE ION'
4 non-polymer '4-(2-HYDROXYETHYL)-1-PIPERAZINE ETHANESULFONIC ACID'
5 water water
#
_entity_poly.entity_id   1
_entity_poly.type   'polypeptide(L)'
_entity_poly.pdbx_seq_one_letter_code
;MYRSHFIADVTPEYDGKEVIWAGWVHLLRDLGGKKFIILRDKTGLGQVVVDKNSSAFGISQELTQESVIQVRGIVKADKR
APRGIELHAEEITLLSKAKAPLPLDVSGKVKADIDTRLRERVLDLRRQEMQAVIKIQSLALKAFRETLYKEGFIEIFTPK
IIASATEGGAQLFPVIYFGKEAFLAQSPQLYKELMAGVVERVFEVAPAWRAEESDTPFHLAEFISMDVEMAFADYNDVMQ
LLEKILHNIVKTIKEEGKEELKILNYEPPEVKIPIKRLKYTEAIEILRSKGYNIKFGDDIGTPELRILNEELKEDLYFIV
DWPSDARPFYTKSKSENPELSESFDLIYKFLEIVSGSTRNHKREVLEEALKKKGLKPESFEFFLKWFDYGMPPHAGFGMG
LARLMVMLTGIQSVKEIVPFPRDKKRLTP
;
_entity_poly.pdbx_strand_id   A,B
#
# COMPACT_ATOMS: atom_id res chain seq x y z
N MET A 1 24.76 13.03 -13.44
CA MET A 1 23.42 13.00 -14.12
C MET A 1 22.99 14.40 -14.62
N TYR A 2 21.77 14.81 -14.29
CA TYR A 2 21.25 16.11 -14.74
C TYR A 2 21.56 17.26 -13.77
N ARG A 3 21.73 16.95 -12.50
CA ARG A 3 22.04 17.98 -11.54
C ARG A 3 23.21 17.52 -10.69
N SER A 4 23.70 18.41 -9.83
CA SER A 4 24.77 18.07 -8.91
C SER A 4 24.23 18.32 -7.50
N HIS A 5 23.19 19.15 -7.45
CA HIS A 5 22.58 19.56 -6.21
C HIS A 5 21.12 19.88 -6.45
N PHE A 6 20.34 19.74 -5.38
CA PHE A 6 18.98 20.23 -5.34
C PHE A 6 18.99 21.67 -4.80
N ILE A 7 17.97 22.44 -5.14
CA ILE A 7 17.98 23.85 -4.79
C ILE A 7 18.13 24.05 -3.27
N ALA A 8 17.54 23.18 -2.47
CA ALA A 8 17.57 23.36 -1.02
C ALA A 8 18.90 22.98 -0.36
N ASP A 9 19.74 22.27 -1.10
CA ASP A 9 21.05 21.87 -0.55
C ASP A 9 21.99 23.08 -0.41
N VAL A 10 22.06 23.87 -1.48
CA VAL A 10 22.93 25.04 -1.62
C VAL A 10 22.70 26.12 -0.55
N THR A 11 23.77 26.43 0.19
CA THR A 11 23.77 27.46 1.24
C THR A 11 24.81 28.53 0.90
N PRO A 12 24.82 29.67 1.62
CA PRO A 12 25.87 30.69 1.46
C PRO A 12 27.34 30.17 1.50
N GLU A 13 27.64 29.14 2.29
CA GLU A 13 28.99 28.56 2.36
C GLU A 13 29.42 27.89 1.02
N TYR A 14 28.72 28.25 -0.04
CA TYR A 14 28.92 27.71 -1.39
C TYR A 14 29.46 28.77 -2.35
N ASP A 15 29.65 29.99 -1.82
CA ASP A 15 30.04 31.16 -2.61
C ASP A 15 31.21 30.88 -3.52
N GLY A 16 31.03 31.21 -4.79
CA GLY A 16 32.08 31.04 -5.77
C GLY A 16 32.10 29.67 -6.43
N LYS A 17 31.44 28.70 -5.79
CA LYS A 17 31.42 27.32 -6.29
C LYS A 17 30.44 27.15 -7.46
N GLU A 18 30.76 26.21 -8.35
CA GLU A 18 29.89 25.83 -9.45
C GLU A 18 28.88 24.76 -9.03
N VAL A 19 27.68 24.86 -9.58
CA VAL A 19 26.56 24.01 -9.17
C VAL A 19 25.70 23.72 -10.39
N ILE A 20 25.23 22.48 -10.52
CA ILE A 20 24.29 22.17 -11.58
C ILE A 20 22.88 21.93 -11.03
N TRP A 21 21.95 22.74 -11.49
CA TRP A 21 20.54 22.57 -11.17
C TRP A 21 19.79 22.00 -12.34
N ALA A 22 18.77 21.21 -12.04
CA ALA A 22 17.81 20.75 -13.04
C ALA A 22 16.48 21.06 -12.46
N GLY A 23 15.55 21.49 -13.31
CA GLY A 23 14.21 21.77 -12.83
C GLY A 23 13.32 22.44 -13.83
N TRP A 24 12.26 23.04 -13.30
CA TRP A 24 11.19 23.63 -14.07
C TRP A 24 11.27 25.18 -14.04
N VAL A 25 10.96 25.79 -15.18
CA VAL A 25 10.95 27.25 -15.25
C VAL A 25 9.64 27.70 -14.65
N HIS A 26 9.69 28.11 -13.39
CA HIS A 26 8.51 28.49 -12.63
C HIS A 26 8.07 29.90 -13.02
N LEU A 27 9.04 30.81 -13.10
CA LEU A 27 8.81 32.24 -13.41
C LEU A 27 9.98 32.84 -14.16
N LEU A 28 9.63 33.71 -15.12
CA LEU A 28 10.59 34.51 -15.87
C LEU A 28 10.22 35.97 -15.72
N ARG A 29 11.21 36.81 -15.46
CA ARG A 29 11.04 38.26 -15.47
C ARG A 29 12.37 38.88 -15.91
N ASP A 30 12.28 40.04 -16.57
CA ASP A 30 13.46 40.79 -16.95
C ASP A 30 13.53 42.06 -16.13
N LEU A 31 14.72 42.37 -15.61
CA LEU A 31 14.98 43.56 -14.80
C LEU A 31 16.43 44.00 -14.93
N GLY A 32 16.60 45.23 -15.43
CA GLY A 32 17.90 45.90 -15.50
C GLY A 32 18.84 45.31 -16.53
N GLY A 33 18.32 44.92 -17.70
CA GLY A 33 19.09 44.17 -18.68
C GLY A 33 19.39 42.74 -18.24
N LYS A 34 18.94 42.36 -17.05
CA LYS A 34 19.18 41.03 -16.51
C LYS A 34 17.94 40.13 -16.55
N LYS A 35 18.13 38.86 -16.94
CA LYS A 35 17.02 37.88 -16.88
C LYS A 35 16.93 37.14 -15.56
N PHE A 36 15.73 37.14 -14.97
CA PHE A 36 15.44 36.39 -13.75
C PHE A 36 14.64 35.09 -14.00
N ILE A 37 15.21 33.95 -13.61
CA ILE A 37 14.53 32.67 -13.71
C ILE A 37 14.28 32.07 -12.35
N ILE A 38 13.01 32.04 -11.95
CA ILE A 38 12.69 31.21 -10.80
C ILE A 38 12.58 29.77 -11.23
N LEU A 39 13.52 28.97 -10.73
CA LEU A 39 13.62 27.57 -11.02
C LEU A 39 12.91 26.83 -9.91
N ARG A 40 12.34 25.68 -10.26
CA ARG A 40 11.70 24.81 -9.28
C ARG A 40 12.16 23.36 -9.44
N ASP A 41 12.20 22.63 -8.32
CA ASP A 41 12.40 21.17 -8.32
C ASP A 41 11.77 20.62 -7.07
N LYS A 42 11.98 19.33 -6.78
CA LYS A 42 11.31 18.71 -5.65
C LYS A 42 11.56 19.39 -4.28
N THR A 43 12.70 20.07 -4.14
CA THR A 43 13.03 20.75 -2.87
C THR A 43 12.39 22.12 -2.73
N GLY A 44 12.10 22.77 -3.85
CA GLY A 44 11.40 24.04 -3.84
C GLY A 44 11.85 25.01 -4.91
N LEU A 45 11.80 26.30 -4.58
CA LEU A 45 12.08 27.36 -5.54
C LEU A 45 13.45 28.04 -5.35
N GLY A 46 14.16 28.22 -6.45
CA GLY A 46 15.48 28.84 -6.47
C GLY A 46 15.58 29.97 -7.49
N GLN A 47 16.57 30.85 -7.33
CA GLN A 47 16.67 32.04 -8.17
C GLN A 47 17.89 31.92 -9.07
N VAL A 48 17.66 31.90 -10.37
CA VAL A 48 18.76 32.02 -11.28
C VAL A 48 18.65 33.36 -12.04
N VAL A 49 19.82 33.97 -12.24
CA VAL A 49 19.93 35.22 -12.98
C VAL A 49 20.94 35.05 -14.11
N VAL A 50 20.55 35.51 -15.29
CA VAL A 50 21.42 35.45 -16.48
C VAL A 50 21.79 36.86 -16.96
N ASP A 51 23.09 37.16 -16.90
CA ASP A 51 23.66 38.43 -17.38
C ASP A 51 23.65 38.45 -18.91
N LYS A 52 23.59 39.66 -19.49
CA LYS A 52 23.63 39.83 -20.95
C LYS A 52 24.98 39.43 -21.48
N ASN A 53 25.99 39.49 -20.61
CA ASN A 53 27.36 39.10 -20.95
C ASN A 53 27.57 37.57 -20.95
N SER A 54 26.50 36.80 -20.73
CA SER A 54 26.60 35.35 -20.65
C SER A 54 26.26 34.63 -21.95
N SER A 55 26.82 33.43 -22.13
CA SER A 55 26.52 32.58 -23.29
C SER A 55 25.18 31.85 -23.10
N ALA A 56 24.70 31.83 -21.86
CA ALA A 56 23.39 31.30 -21.54
C ALA A 56 22.27 32.24 -21.98
N PHE A 57 22.61 33.52 -22.23
CA PHE A 57 21.63 34.56 -22.58
C PHE A 57 20.64 34.24 -23.73
N GLY A 58 21.17 33.73 -24.84
CA GLY A 58 20.38 33.52 -26.04
C GLY A 58 19.30 32.46 -25.92
N ILE A 59 19.65 31.35 -25.30
CA ILE A 59 18.70 30.28 -25.05
C ILE A 59 17.76 30.72 -23.93
N SER A 60 18.29 31.52 -23.01
CA SER A 60 17.51 32.11 -21.93
C SER A 60 16.34 32.91 -22.47
N GLN A 61 16.54 33.52 -23.64
CA GLN A 61 15.56 34.36 -24.30
C GLN A 61 14.37 33.58 -24.82
N GLU A 62 14.54 32.28 -25.04
CA GLU A 62 13.47 31.49 -25.66
C GLU A 62 12.76 30.54 -24.71
N LEU A 63 13.11 30.62 -23.43
CA LEU A 63 12.50 29.77 -22.43
C LEU A 63 11.08 30.19 -22.14
N THR A 64 10.23 29.20 -21.97
CA THR A 64 8.84 29.42 -21.52
C THR A 64 8.61 28.78 -20.14
N GLN A 65 7.57 29.22 -19.43
CA GLN A 65 7.28 28.67 -18.11
C GLN A 65 6.96 27.18 -18.21
N GLU A 66 7.34 26.44 -17.17
CA GLU A 66 7.15 24.97 -17.09
C GLU A 66 8.09 24.11 -17.99
N SER A 67 8.94 24.75 -18.77
CA SER A 67 9.98 24.03 -19.47
C SER A 67 10.92 23.45 -18.43
N VAL A 68 11.51 22.30 -18.76
CA VAL A 68 12.45 21.62 -17.91
C VAL A 68 13.82 21.96 -18.44
N ILE A 69 14.67 22.51 -17.57
CA ILE A 69 16.02 22.89 -17.96
C ILE A 69 17.09 22.47 -16.97
N GLN A 70 18.32 22.62 -17.46
CA GLN A 70 19.56 22.36 -16.76
C GLN A 70 20.38 23.67 -16.82
N VAL A 71 20.80 24.17 -15.67
CA VAL A 71 21.52 25.42 -15.61
C VAL A 71 22.78 25.14 -14.81
N ARG A 72 23.91 25.25 -15.50
CA ARG A 72 25.21 25.21 -14.86
C ARG A 72 25.68 26.64 -14.62
N GLY A 73 25.95 26.98 -13.35
CA GLY A 73 26.45 28.29 -12.99
C GLY A 73 27.21 28.32 -11.68
N ILE A 74 27.48 29.52 -11.17
CA ILE A 74 28.18 29.71 -9.90
C ILE A 74 27.27 30.34 -8.84
N VAL A 75 27.35 29.84 -7.61
CA VAL A 75 26.58 30.40 -6.48
C VAL A 75 27.20 31.71 -5.99
N LYS A 76 26.35 32.71 -5.75
CA LYS A 76 26.75 33.95 -5.07
C LYS A 76 25.77 34.15 -3.94
N ALA A 77 26.26 34.52 -2.76
CA ALA A 77 25.38 34.81 -1.61
C ALA A 77 24.84 36.23 -1.71
N ASP A 78 23.61 36.44 -1.25
CA ASP A 78 22.94 37.72 -1.41
C ASP A 78 22.06 38.08 -0.22
N LYS A 79 21.44 37.08 0.39
CA LYS A 79 20.58 37.28 1.58
C LYS A 79 19.43 38.27 1.37
N ARG A 80 19.34 38.80 0.16
CA ARG A 80 18.10 39.42 -0.32
C ARG A 80 17.37 38.39 -1.17
N ALA A 81 18.12 37.35 -1.58
CA ALA A 81 17.61 36.24 -2.41
C ALA A 81 17.11 35.05 -1.55
N PRO A 82 16.37 34.11 -2.16
CA PRO A 82 15.95 32.88 -1.47
C PRO A 82 17.10 32.05 -0.91
N ARG A 83 16.93 31.64 0.36
CA ARG A 83 17.89 30.87 1.15
C ARG A 83 19.27 31.54 1.17
N GLY A 84 19.26 32.86 1.05
CA GLY A 84 20.46 33.67 0.96
C GLY A 84 21.37 33.37 -0.22
N ILE A 85 20.84 32.84 -1.32
CA ILE A 85 21.66 32.53 -2.50
C ILE A 85 20.90 32.64 -3.81
N GLU A 86 21.67 32.79 -4.88
CA GLU A 86 21.18 32.74 -6.25
C GLU A 86 22.25 32.15 -7.16
N LEU A 87 21.85 31.75 -8.36
CA LEU A 87 22.73 31.08 -9.30
C LEU A 87 22.99 31.93 -10.54
N HIS A 88 24.24 32.37 -10.72
CA HIS A 88 24.62 33.11 -11.92
C HIS A 88 25.00 32.10 -12.98
N ALA A 89 24.17 31.99 -14.01
CA ALA A 89 24.23 30.88 -14.96
C ALA A 89 25.30 31.07 -16.00
N GLU A 90 25.98 29.98 -16.34
CA GLU A 90 27.03 29.99 -17.35
C GLU A 90 26.58 29.20 -18.57
N GLU A 91 25.90 28.08 -18.33
CA GLU A 91 25.29 27.30 -19.42
C GLU A 91 23.84 26.92 -19.11
N ILE A 92 22.97 26.94 -20.11
CA ILE A 92 21.58 26.50 -19.93
C ILE A 92 21.22 25.47 -20.99
N THR A 93 20.81 24.29 -20.54
CA THR A 93 20.42 23.21 -21.44
C THR A 93 18.91 23.02 -21.33
N LEU A 94 18.25 22.97 -22.49
CA LEU A 94 16.80 22.81 -22.58
C LEU A 94 16.44 21.34 -22.69
N LEU A 95 15.96 20.74 -21.61
CA LEU A 95 15.60 19.32 -21.67
C LEU A 95 14.23 19.06 -22.34
N SER A 96 13.20 19.76 -21.87
CA SER A 96 11.84 19.57 -22.38
C SER A 96 11.25 20.94 -22.54
N LYS A 97 10.95 21.29 -23.79
CA LYS A 97 10.26 22.53 -24.11
C LYS A 97 8.73 22.39 -23.95
N ALA A 98 8.13 23.27 -23.14
CA ALA A 98 6.68 23.28 -22.93
C ALA A 98 5.96 24.27 -23.88
N LYS A 99 4.75 23.94 -24.30
CA LYS A 99 3.99 24.83 -25.18
C LYS A 99 3.54 26.11 -24.44
N ALA A 100 3.41 27.20 -25.21
CA ALA A 100 2.94 28.50 -24.69
C ALA A 100 1.62 28.95 -25.39
N PRO A 101 0.72 29.62 -24.69
CA PRO A 101 0.83 29.88 -23.25
C PRO A 101 0.36 28.63 -22.49
N LEU A 102 0.54 28.67 -21.17
CA LEU A 102 0.01 27.64 -20.27
C LEU A 102 -1.51 27.77 -20.14
N PRO A 103 -2.23 26.65 -20.13
CA PRO A 103 -3.69 26.67 -19.91
C PRO A 103 -4.09 26.82 -18.41
N LEU A 104 -3.10 26.74 -17.54
CA LEU A 104 -3.28 26.84 -16.10
C LEU A 104 -1.98 27.41 -15.49
N ASP A 105 -2.11 28.25 -14.47
CA ASP A 105 -0.93 28.90 -13.91
C ASP A 105 -0.43 28.13 -12.71
N VAL A 106 0.82 27.69 -12.78
CA VAL A 106 1.47 27.03 -11.68
C VAL A 106 1.98 28.05 -10.65
N SER A 107 2.49 29.17 -11.13
CA SER A 107 3.03 30.24 -10.29
C SER A 107 1.91 31.06 -9.62
N GLY A 108 0.69 30.97 -10.13
CA GLY A 108 -0.39 31.82 -9.70
C GLY A 108 -1.19 31.32 -8.50
N LYS A 109 -1.96 32.23 -7.90
CA LYS A 109 -2.96 31.82 -6.94
C LYS A 109 -4.11 31.43 -7.83
N VAL A 110 -4.17 30.15 -8.19
CA VAL A 110 -5.04 29.71 -9.26
C VAL A 110 -6.47 29.42 -8.82
N LYS A 111 -7.31 30.43 -9.03
CA LYS A 111 -8.74 30.34 -8.81
C LYS A 111 -9.38 29.90 -10.12
N ALA A 112 -9.52 28.59 -10.28
CA ALA A 112 -10.15 28.01 -11.45
C ALA A 112 -11.18 26.96 -11.02
N ASP A 113 -12.01 26.54 -11.96
CA ASP A 113 -13.00 25.49 -11.73
C ASP A 113 -12.34 24.10 -11.51
N ILE A 114 -12.94 23.24 -10.70
CA ILE A 114 -12.34 21.94 -10.37
C ILE A 114 -12.12 21.07 -11.59
N ASP A 115 -13.12 21.02 -12.46
CA ASP A 115 -13.09 20.18 -13.63
C ASP A 115 -12.16 20.79 -14.67
N THR A 116 -12.04 22.12 -14.62
CA THR A 116 -11.03 22.85 -15.38
C THR A 116 -9.63 22.47 -14.94
N ARG A 117 -9.45 22.29 -13.65
CA ARG A 117 -8.14 21.92 -13.13
C ARG A 117 -7.83 20.43 -13.40
N LEU A 118 -8.89 19.61 -13.42
CA LEU A 118 -8.76 18.19 -13.72
C LEU A 118 -8.29 17.98 -15.16
N ARG A 119 -8.86 18.77 -16.07
CA ARG A 119 -8.40 18.83 -17.45
C ARG A 119 -6.88 19.06 -17.55
N GLU A 120 -6.30 19.80 -16.61
CA GLU A 120 -4.85 20.05 -16.60
C GLU A 120 -4.21 19.73 -15.25
N ARG A 121 -4.50 18.54 -14.77
CA ARG A 121 -4.13 18.15 -13.43
C ARG A 121 -2.63 18.17 -13.15
N VAL A 122 -1.80 17.81 -14.11
CA VAL A 122 -0.35 17.89 -13.87
C VAL A 122 0.11 19.29 -13.48
N LEU A 123 -0.33 20.31 -14.20
CA LEU A 123 0.04 21.68 -13.84
C LEU A 123 -0.53 22.07 -12.47
N ASP A 124 -1.78 21.68 -12.26
CA ASP A 124 -2.45 21.96 -11.00
C ASP A 124 -1.69 21.41 -9.80
N LEU A 125 -1.34 20.14 -9.86
CA LEU A 125 -0.63 19.45 -8.80
C LEU A 125 0.79 20.02 -8.56
N ARG A 126 1.31 20.77 -9.53
CA ARG A 126 2.65 21.36 -9.43
C ARG A 126 2.62 22.63 -8.57
N ARG A 127 1.43 23.14 -8.32
CA ARG A 127 1.33 24.29 -7.40
C ARG A 127 1.90 23.86 -6.03
N GLN A 128 2.57 24.78 -5.37
CA GLN A 128 3.20 24.48 -4.09
C GLN A 128 2.18 23.88 -3.12
N GLU A 129 0.96 24.41 -3.11
CA GLU A 129 -0.07 23.93 -2.19
C GLU A 129 -0.42 22.48 -2.40
N MET A 130 -0.42 22.05 -3.66
CA MET A 130 -0.72 20.66 -4.02
C MET A 130 0.46 19.74 -3.72
N GLN A 131 1.68 20.18 -4.04
CA GLN A 131 2.88 19.42 -3.71
C GLN A 131 2.92 19.20 -2.21
N ALA A 132 2.61 20.27 -1.46
CA ALA A 132 2.46 20.16 -0.02
C ALA A 132 1.63 18.98 0.39
N VAL A 133 0.40 18.90 -0.14
CA VAL A 133 -0.57 17.87 0.19
C VAL A 133 -0.06 16.50 -0.15
N ILE A 134 0.53 16.37 -1.33
CA ILE A 134 1.12 15.09 -1.78
C ILE A 134 2.19 14.63 -0.82
N LYS A 135 3.00 15.59 -0.39
CA LYS A 135 4.18 15.25 0.46
C LYS A 135 3.71 14.85 1.83
N ILE A 136 2.66 15.52 2.33
CA ILE A 136 2.12 15.23 3.68
C ILE A 136 1.50 13.87 3.77
N GLN A 137 0.84 13.42 2.68
CA GLN A 137 0.16 12.14 2.62
C GLN A 137 1.20 11.03 2.69
N SER A 138 2.31 11.24 2.04
CA SER A 138 3.41 10.28 2.12
C SER A 138 3.87 10.11 3.57
N LEU A 139 4.03 11.24 4.26
CA LEU A 139 4.52 11.30 5.64
C LEU A 139 3.52 10.67 6.57
N ALA A 140 2.23 10.93 6.31
CA ALA A 140 1.15 10.31 7.06
C ALA A 140 1.21 8.79 6.98
N LEU A 141 1.49 8.27 5.79
CA LEU A 141 1.49 6.83 5.56
C LEU A 141 2.63 6.17 6.29
N LYS A 142 3.83 6.75 6.12
CA LYS A 142 4.99 6.29 6.87
C LYS A 142 4.67 6.30 8.37
N ALA A 143 4.22 7.42 8.90
CA ALA A 143 3.99 7.44 10.32
C ALA A 143 3.02 6.37 10.76
N PHE A 144 1.91 6.22 10.02
CA PHE A 144 0.90 5.21 10.31
C PHE A 144 1.49 3.80 10.46
N ARG A 145 2.30 3.39 9.49
CA ARG A 145 2.84 2.03 9.50
C ARG A 145 3.87 1.90 10.61
N GLU A 146 4.65 2.97 10.80
CA GLU A 146 5.70 3.02 11.85
C GLU A 146 5.12 2.69 13.20
N THR A 147 3.96 3.28 13.51
CA THR A 147 3.37 2.98 14.79
C THR A 147 2.93 1.56 14.89
N LEU A 148 2.61 0.96 13.75
CA LEU A 148 1.92 -0.34 13.78
C LEU A 148 2.98 -1.41 13.81
N TYR A 149 4.08 -1.14 13.14
CA TYR A 149 5.27 -1.98 13.26
C TYR A 149 5.73 -2.13 14.72
N LYS A 150 5.70 -1.03 15.47
CA LYS A 150 6.20 -1.02 16.85
C LYS A 150 5.40 -1.97 17.67
N GLU A 151 4.14 -2.16 17.30
CA GLU A 151 3.25 -3.01 18.05
C GLU A 151 3.13 -4.41 17.46
N GLY A 152 4.06 -4.80 16.60
CA GLY A 152 3.99 -6.12 15.98
C GLY A 152 3.02 -6.37 14.82
N PHE A 153 2.50 -5.33 14.14
CA PHE A 153 1.46 -5.56 13.13
C PHE A 153 2.10 -5.91 11.83
N ILE A 154 1.44 -6.79 11.08
CA ILE A 154 1.96 -7.35 9.82
C ILE A 154 1.17 -6.77 8.63
N GLU A 155 1.85 -6.32 7.59
CA GLU A 155 1.16 -5.81 6.44
C GLU A 155 0.59 -6.90 5.55
N ILE A 156 -0.73 -6.87 5.37
CA ILE A 156 -1.40 -7.75 4.43
C ILE A 156 -1.97 -7.00 3.21
N PHE A 157 -2.24 -7.78 2.17
CA PHE A 157 -3.07 -7.38 1.02
C PHE A 157 -4.17 -8.39 0.85
N THR A 158 -5.41 -7.91 0.79
CA THR A 158 -6.59 -8.79 0.57
C THR A 158 -7.22 -8.59 -0.82
N PRO A 159 -8.01 -9.58 -1.25
CA PRO A 159 -8.57 -9.57 -2.61
C PRO A 159 -9.44 -8.38 -2.81
N LYS A 160 -9.36 -7.82 -4.00
CA LYS A 160 -10.15 -6.68 -4.40
C LYS A 160 -11.40 -7.07 -5.21
N ILE A 161 -11.29 -8.14 -6.02
CA ILE A 161 -12.43 -8.71 -6.74
C ILE A 161 -13.00 -9.84 -5.89
N ILE A 162 -14.31 -9.78 -5.65
CA ILE A 162 -15.03 -10.69 -4.78
C ILE A 162 -16.32 -11.18 -5.44
N ALA A 163 -16.77 -12.36 -5.01
CA ALA A 163 -17.95 -13.02 -5.57
C ALA A 163 -19.22 -12.32 -5.16
N SER A 164 -19.30 -11.92 -3.90
CA SER A 164 -20.54 -11.39 -3.36
C SER A 164 -20.31 -10.44 -2.17
N ALA A 165 -21.33 -9.64 -1.86
CA ALA A 165 -21.23 -8.57 -0.85
C ALA A 165 -21.25 -9.10 0.59
N THR A 166 -20.78 -8.28 1.54
CA THR A 166 -20.78 -8.63 2.96
C THR A 166 -21.86 -7.83 3.65
N GLU A 167 -21.91 -6.56 3.29
CA GLU A 167 -23.00 -5.66 3.64
C GLU A 167 -23.99 -5.76 2.48
N GLY A 168 -25.15 -6.40 2.73
CA GLY A 168 -26.24 -6.49 1.76
C GLY A 168 -26.81 -5.10 1.57
N GLY A 169 -27.37 -4.82 0.39
CA GLY A 169 -27.89 -3.49 0.13
C GLY A 169 -26.83 -2.42 -0.08
N ALA A 170 -25.56 -2.76 0.13
CA ALA A 170 -24.45 -1.91 -0.31
C ALA A 170 -24.25 -2.07 -1.80
N GLN A 171 -23.97 -0.96 -2.47
CA GLN A 171 -23.84 -0.96 -3.92
C GLN A 171 -22.40 -1.11 -4.36
N LEU A 172 -22.12 -2.21 -5.04
CA LEU A 172 -20.76 -2.48 -5.50
C LEU A 172 -20.68 -2.41 -7.02
N PHE A 173 -19.48 -2.08 -7.51
CA PHE A 173 -19.19 -2.02 -8.95
C PHE A 173 -19.07 -3.45 -9.51
N PRO A 174 -19.90 -3.82 -10.48
CA PRO A 174 -19.73 -5.07 -11.21
C PRO A 174 -18.41 -5.17 -12.01
N VAL A 175 -17.73 -6.31 -11.89
CA VAL A 175 -16.59 -6.62 -12.74
C VAL A 175 -16.86 -7.85 -13.56
N ILE A 176 -16.55 -7.81 -14.86
CA ILE A 176 -16.74 -8.99 -15.70
C ILE A 176 -15.49 -9.82 -15.63
N TYR A 177 -15.62 -10.92 -14.92
CA TYR A 177 -14.53 -11.68 -14.43
C TYR A 177 -14.68 -13.10 -14.96
N PHE A 178 -14.02 -13.39 -16.09
CA PHE A 178 -14.03 -14.71 -16.72
C PHE A 178 -15.46 -15.28 -16.80
N GLY A 179 -16.36 -14.53 -17.42
CA GLY A 179 -17.68 -15.05 -17.64
C GLY A 179 -18.64 -14.82 -16.50
N LYS A 180 -18.14 -14.44 -15.34
CA LYS A 180 -19.05 -14.12 -14.23
C LYS A 180 -19.07 -12.65 -13.84
N GLU A 181 -20.18 -12.26 -13.22
CA GLU A 181 -20.35 -10.92 -12.69
C GLU A 181 -19.81 -10.98 -11.25
N ALA A 182 -18.63 -10.42 -11.04
CA ALA A 182 -18.11 -10.30 -9.70
C ALA A 182 -18.12 -8.81 -9.34
N PHE A 183 -17.55 -8.46 -8.19
CA PHE A 183 -17.61 -7.08 -7.72
C PHE A 183 -16.29 -6.61 -7.16
N LEU A 184 -16.11 -5.29 -7.19
CA LEU A 184 -15.07 -4.60 -6.45
C LEU A 184 -15.46 -4.51 -4.96
N ALA A 185 -14.50 -4.86 -4.10
CA ALA A 185 -14.75 -4.82 -2.65
C ALA A 185 -14.81 -3.40 -2.13
N GLN A 186 -15.62 -3.17 -1.11
CA GLN A 186 -15.68 -1.84 -0.55
C GLN A 186 -14.82 -1.71 0.69
N SER A 187 -14.20 -2.81 1.11
CA SER A 187 -13.37 -2.77 2.30
C SER A 187 -12.82 -4.17 2.46
N PRO A 188 -11.72 -4.32 3.18
CA PRO A 188 -11.15 -5.66 3.44
C PRO A 188 -11.82 -6.46 4.54
N GLN A 189 -12.75 -5.83 5.23
CA GLN A 189 -13.50 -6.45 6.33
C GLN A 189 -13.32 -7.95 6.64
N LEU A 190 -14.05 -8.82 5.93
CA LEU A 190 -13.98 -10.25 6.23
C LEU A 190 -12.57 -10.70 6.21
N TYR A 191 -11.85 -10.30 5.17
CA TYR A 191 -10.50 -10.81 4.92
C TYR A 191 -9.50 -10.44 5.99
N LYS A 192 -9.54 -9.19 6.49
CA LYS A 192 -8.62 -8.78 7.55
C LYS A 192 -8.98 -9.49 8.88
N GLU A 193 -10.27 -9.72 9.11
CA GLU A 193 -10.70 -10.60 10.20
C GLU A 193 -10.16 -12.00 10.09
N LEU A 194 -10.18 -12.60 8.87
CA LEU A 194 -9.57 -13.91 8.67
C LEU A 194 -8.04 -13.84 8.83
N MET A 195 -7.38 -12.81 8.29
CA MET A 195 -5.94 -12.70 8.53
C MET A 195 -5.56 -12.55 10.04
N ALA A 196 -6.28 -11.72 10.80
CA ALA A 196 -6.07 -11.62 12.24
C ALA A 196 -6.27 -12.98 12.90
N GLY A 197 -7.10 -13.81 12.28
CA GLY A 197 -7.33 -15.14 12.80
C GLY A 197 -6.22 -16.10 12.45
N VAL A 198 -5.25 -15.65 11.65
CA VAL A 198 -4.09 -16.48 11.46
C VAL A 198 -2.87 -15.94 12.21
N VAL A 199 -2.52 -14.67 12.00
CA VAL A 199 -1.32 -14.07 12.64
C VAL A 199 -1.63 -12.93 13.58
N GLU A 200 -2.83 -12.90 14.16
CA GLU A 200 -3.31 -11.89 15.14
C GLU A 200 -3.33 -10.38 14.82
N ARG A 201 -2.26 -9.85 14.23
CA ARG A 201 -2.23 -8.38 14.09
C ARG A 201 -1.87 -8.00 12.67
N VAL A 202 -2.81 -7.33 12.00
CA VAL A 202 -2.67 -7.01 10.57
C VAL A 202 -3.11 -5.58 10.23
N PHE A 203 -2.65 -5.08 9.10
CA PHE A 203 -3.11 -3.81 8.58
C PHE A 203 -2.91 -3.85 7.10
N GLU A 204 -3.65 -2.98 6.40
CA GLU A 204 -3.66 -2.91 4.95
C GLU A 204 -3.97 -1.48 4.56
N VAL A 205 -3.38 -0.98 3.49
CA VAL A 205 -3.63 0.37 3.04
C VAL A 205 -3.70 0.13 1.58
N ALA A 206 -4.95 0.29 1.07
CA ALA A 206 -5.26 -0.17 -0.25
C ALA A 206 -6.63 0.42 -0.74
N PRO A 207 -6.84 0.43 -2.05
CA PRO A 207 -8.07 1.00 -2.66
C PRO A 207 -9.27 0.16 -2.33
N ALA A 208 -10.39 0.84 -2.21
CA ALA A 208 -11.71 0.24 -2.10
C ALA A 208 -12.68 1.08 -2.93
N TRP A 209 -13.90 0.58 -3.15
CA TRP A 209 -14.85 1.23 -4.04
C TRP A 209 -16.29 1.11 -3.53
N ARG A 210 -17.04 2.17 -3.68
CA ARG A 210 -18.49 2.07 -3.52
C ARG A 210 -19.10 2.69 -4.74
N ALA A 211 -20.28 2.23 -5.13
CA ALA A 211 -20.86 2.63 -6.39
C ALA A 211 -22.06 3.55 -6.22
N GLU A 212 -22.35 3.97 -5.01
CA GLU A 212 -23.49 4.87 -4.82
C GLU A 212 -23.23 6.17 -5.55
N GLU A 213 -24.32 6.84 -5.94
CA GLU A 213 -24.26 8.06 -6.71
C GLU A 213 -24.38 9.27 -5.80
N SER A 214 -23.50 9.37 -4.81
CA SER A 214 -23.68 10.48 -3.87
C SER A 214 -23.40 11.82 -4.54
N ASP A 215 -23.85 12.89 -3.88
CA ASP A 215 -23.62 14.24 -4.38
C ASP A 215 -23.13 15.07 -3.20
N THR A 216 -22.99 14.44 -2.04
CA THR A 216 -22.47 15.11 -0.87
C THR A 216 -20.93 15.13 -0.95
N PRO A 217 -20.30 15.99 -0.16
CA PRO A 217 -18.84 16.06 -0.15
C PRO A 217 -18.21 14.82 0.46
N PHE A 218 -16.98 14.54 0.06
CA PHE A 218 -16.20 13.40 0.56
C PHE A 218 -16.80 12.07 0.28
N HIS A 219 -17.12 11.84 -0.98
CA HIS A 219 -17.72 10.58 -1.40
C HIS A 219 -17.28 10.19 -2.79
N LEU A 220 -15.97 10.15 -2.93
CA LEU A 220 -15.33 9.51 -4.07
C LEU A 220 -15.74 8.04 -4.21
N ALA A 221 -15.75 7.54 -5.44
CA ALA A 221 -16.20 6.17 -5.67
C ALA A 221 -15.09 5.16 -5.47
N GLU A 222 -13.86 5.65 -5.58
CA GLU A 222 -12.63 4.93 -5.29
C GLU A 222 -11.86 5.71 -4.20
N PHE A 223 -11.46 5.01 -3.14
CA PHE A 223 -10.82 5.68 -2.01
C PHE A 223 -9.77 4.77 -1.38
N ILE A 224 -8.72 5.39 -0.86
CA ILE A 224 -7.68 4.61 -0.13
C ILE A 224 -8.02 4.48 1.35
N SER A 225 -8.03 3.25 1.82
CA SER A 225 -8.65 2.89 3.09
C SER A 225 -7.54 2.25 3.92
N MET A 226 -7.39 2.69 5.18
CA MET A 226 -6.32 2.20 6.05
C MET A 226 -7.00 1.33 7.11
N ASP A 227 -6.68 0.05 7.09
CA ASP A 227 -7.32 -0.89 7.95
C ASP A 227 -6.42 -1.55 8.93
N VAL A 228 -6.95 -1.80 10.12
CA VAL A 228 -6.22 -2.48 11.13
C VAL A 228 -7.15 -3.54 11.72
N GLU A 229 -6.72 -4.79 11.83
CA GLU A 229 -7.46 -5.81 12.64
C GLU A 229 -6.54 -6.45 13.69
N MET A 230 -7.10 -6.74 14.87
CA MET A 230 -6.28 -7.13 16.03
C MET A 230 -6.95 -8.23 16.86
N ALA A 231 -6.37 -9.43 16.86
CA ALA A 231 -6.91 -10.51 17.71
C ALA A 231 -6.62 -10.26 19.19
N PHE A 232 -7.45 -10.83 20.05
CA PHE A 232 -7.45 -10.60 21.50
C PHE A 232 -7.57 -9.15 21.98
N ALA A 233 -8.27 -8.34 21.19
CA ALA A 233 -8.51 -6.92 21.51
C ALA A 233 -10.01 -6.71 21.42
N ASP A 234 -10.52 -5.73 22.15
CA ASP A 234 -11.89 -5.22 22.00
C ASP A 234 -11.75 -3.79 21.47
N TYR A 235 -12.91 -3.12 21.29
CA TYR A 235 -12.88 -1.78 20.73
C TYR A 235 -12.03 -0.75 21.50
N ASN A 236 -11.97 -0.90 22.83
CA ASN A 236 -11.31 0.07 23.67
C ASN A 236 -9.81 -0.06 23.44
N ASP A 237 -9.33 -1.29 23.31
CA ASP A 237 -7.91 -1.50 22.92
C ASP A 237 -7.59 -0.93 21.54
N VAL A 238 -8.52 -1.04 20.60
CA VAL A 238 -8.22 -0.62 19.24
C VAL A 238 -8.33 0.94 19.14
N MET A 239 -9.30 1.53 19.84
CA MET A 239 -9.32 2.99 20.01
C MET A 239 -7.97 3.57 20.61
N GLN A 240 -7.44 2.90 21.63
CA GLN A 240 -6.14 3.30 22.25
C GLN A 240 -5.04 3.31 21.21
N LEU A 241 -4.91 2.24 20.46
CA LEU A 241 -4.01 2.14 19.30
C LEU A 241 -4.25 3.24 18.26
N LEU A 242 -5.52 3.45 17.91
CA LEU A 242 -5.87 4.49 16.94
C LEU A 242 -5.30 5.84 17.37
N GLU A 243 -5.57 6.22 18.63
CA GLU A 243 -4.98 7.42 19.25
C GLU A 243 -3.48 7.44 19.08
N LYS A 244 -2.82 6.34 19.47
CA LYS A 244 -1.35 6.28 19.40
C LYS A 244 -0.85 6.51 17.96
N ILE A 245 -1.64 6.07 16.98
CA ILE A 245 -1.31 6.24 15.56
C ILE A 245 -1.45 7.71 15.15
N LEU A 246 -2.54 8.35 15.59
CA LEU A 246 -2.92 9.67 15.12
C LEU A 246 -1.97 10.67 15.74
N HIS A 247 -1.63 10.42 17.01
CA HIS A 247 -0.57 11.17 17.73
C HIS A 247 0.71 11.18 16.94
N ASN A 248 1.16 10.02 16.49
CA ASN A 248 2.43 9.96 15.74
C ASN A 248 2.33 10.62 14.35
N ILE A 249 1.15 10.54 13.74
CA ILE A 249 1.00 11.09 12.40
C ILE A 249 1.10 12.63 12.50
N VAL A 250 0.41 13.18 13.50
CA VAL A 250 0.36 14.63 13.71
C VAL A 250 1.77 15.15 14.06
N LYS A 251 2.48 14.41 14.90
CA LYS A 251 3.84 14.75 15.29
C LYS A 251 4.77 14.70 14.11
N THR A 252 4.71 13.65 13.31
CA THR A 252 5.55 13.54 12.14
C THR A 252 5.29 14.63 11.12
N ILE A 253 4.01 14.96 10.92
CA ILE A 253 3.64 16.02 10.00
C ILE A 253 4.19 17.34 10.55
N LYS A 254 4.02 17.59 11.85
CA LYS A 254 4.49 18.84 12.46
C LYS A 254 5.99 18.98 12.45
N GLU A 255 6.71 17.88 12.64
CA GLU A 255 8.19 17.92 12.60
C GLU A 255 8.77 17.80 11.20
N GLU A 256 8.43 16.72 10.49
CA GLU A 256 8.89 16.53 9.11
C GLU A 256 8.16 17.30 8.01
N GLY A 257 6.97 17.84 8.29
CA GLY A 257 6.22 18.53 7.24
C GLY A 257 6.04 20.03 7.45
N LYS A 258 7.01 20.65 8.13
CA LYS A 258 6.98 22.04 8.57
C LYS A 258 6.65 23.00 7.45
N GLU A 259 7.44 22.92 6.38
CA GLU A 259 7.28 23.82 5.25
C GLU A 259 5.93 23.57 4.56
N GLU A 260 5.51 22.31 4.54
CA GLU A 260 4.23 21.97 3.96
C GLU A 260 3.07 22.64 4.72
N LEU A 261 3.06 22.52 6.05
CA LEU A 261 2.05 23.21 6.85
C LEU A 261 2.12 24.74 6.70
N LYS A 262 3.33 25.27 6.58
CA LYS A 262 3.55 26.67 6.29
C LYS A 262 2.84 27.09 4.98
N ILE A 263 3.15 26.39 3.89
CA ILE A 263 2.57 26.67 2.57
C ILE A 263 1.06 26.58 2.61
N LEU A 264 0.57 25.69 3.43
CA LEU A 264 -0.83 25.43 3.56
C LEU A 264 -1.54 26.32 4.57
N ASN A 265 -0.80 27.09 5.36
CA ASN A 265 -1.40 27.97 6.39
C ASN A 265 -2.26 27.24 7.41
N TYR A 266 -1.75 26.10 7.88
CA TYR A 266 -2.56 25.18 8.64
C TYR A 266 -1.82 24.57 9.81
N GLU A 267 -2.56 24.36 10.88
CA GLU A 267 -2.03 23.67 12.05
C GLU A 267 -2.92 22.47 12.36
N PRO A 268 -2.38 21.25 12.34
CA PRO A 268 -3.14 20.05 12.75
C PRO A 268 -3.67 20.13 14.18
N PRO A 269 -4.84 19.54 14.45
CA PRO A 269 -5.37 19.55 15.82
C PRO A 269 -4.39 18.85 16.76
N GLU A 270 -4.59 19.11 18.03
CA GLU A 270 -3.79 18.41 19.00
C GLU A 270 -4.54 17.12 19.33
N VAL A 271 -3.80 16.01 19.24
CA VAL A 271 -4.30 14.71 19.65
C VAL A 271 -4.07 14.58 21.14
N LYS A 272 -5.09 14.94 21.92
CA LYS A 272 -5.01 14.94 23.37
C LYS A 272 -5.34 13.55 23.90
N ILE A 273 -4.36 12.86 24.49
CA ILE A 273 -4.57 11.49 25.01
C ILE A 273 -5.04 11.47 26.48
N PRO A 274 -6.27 10.99 26.77
CA PRO A 274 -7.18 10.37 25.77
C PRO A 274 -8.14 11.32 25.04
N ILE A 275 -8.43 10.97 23.77
CA ILE A 275 -9.42 11.69 22.99
C ILE A 275 -10.80 11.47 23.59
N LYS A 276 -11.59 12.52 23.57
CA LYS A 276 -12.92 12.49 24.15
C LYS A 276 -13.76 11.33 23.63
N ARG A 277 -14.36 10.56 24.51
CA ARG A 277 -15.31 9.52 24.13
C ARG A 277 -16.75 9.94 24.46
N LEU A 278 -17.55 10.21 23.45
CA LEU A 278 -18.93 10.60 23.69
C LEU A 278 -19.87 9.45 23.37
N LYS A 279 -20.56 8.96 24.39
CA LYS A 279 -21.51 7.88 24.20
C LYS A 279 -22.63 8.34 23.26
N TYR A 280 -23.00 7.46 22.32
CA TYR A 280 -24.08 7.77 21.40
C TYR A 280 -25.24 8.26 22.22
N THR A 281 -25.61 7.48 23.24
CA THR A 281 -26.73 7.80 24.10
C THR A 281 -26.67 9.26 24.56
N GLU A 282 -25.51 9.70 25.06
CA GLU A 282 -25.35 11.08 25.46
C GLU A 282 -25.37 12.08 24.31
N ALA A 283 -24.93 11.64 23.13
CA ALA A 283 -24.91 12.49 21.95
C ALA A 283 -26.35 12.92 21.58
N ILE A 284 -27.28 11.98 21.68
CA ILE A 284 -28.70 12.24 21.44
C ILE A 284 -29.28 13.17 22.50
N GLU A 285 -28.85 13.01 23.75
CA GLU A 285 -29.35 13.81 24.86
C GLU A 285 -28.86 15.25 24.79
N ILE A 286 -27.63 15.46 24.32
CA ILE A 286 -27.12 16.81 24.06
C ILE A 286 -27.94 17.46 22.95
N LEU A 287 -28.09 16.75 21.83
CA LEU A 287 -28.82 17.28 20.69
C LEU A 287 -30.26 17.70 21.10
N ARG A 288 -30.82 16.96 22.06
CA ARG A 288 -32.11 17.27 22.67
C ARG A 288 -32.05 18.42 23.69
N SER A 289 -30.91 18.55 24.40
CA SER A 289 -30.69 19.60 25.42
C SER A 289 -30.56 21.00 24.82
N LYS A 290 -30.09 21.06 23.58
CA LYS A 290 -30.33 22.22 22.73
C LYS A 290 -31.53 21.86 21.86
N GLY A 291 -32.05 22.81 21.10
CA GLY A 291 -33.32 22.60 20.43
C GLY A 291 -33.25 21.78 19.16
N TYR A 292 -33.39 20.45 19.28
CA TYR A 292 -33.37 19.59 18.10
C TYR A 292 -34.38 18.44 18.07
N ASN A 293 -34.67 17.99 16.85
CA ASN A 293 -35.76 17.09 16.56
C ASN A 293 -35.30 15.64 16.35
N ILE A 294 -34.60 15.10 17.35
CA ILE A 294 -33.98 13.76 17.28
C ILE A 294 -34.39 12.84 18.48
N LYS A 295 -34.47 11.53 18.22
CA LYS A 295 -34.82 10.53 19.25
C LYS A 295 -33.79 9.41 19.30
N PHE A 296 -33.64 8.77 20.46
CA PHE A 296 -32.70 7.65 20.62
C PHE A 296 -32.96 6.57 19.57
N GLY A 297 -31.94 6.20 18.81
CA GLY A 297 -32.08 5.17 17.79
C GLY A 297 -31.96 5.73 16.40
N ASP A 298 -32.08 7.06 16.30
CA ASP A 298 -31.96 7.80 15.04
C ASP A 298 -30.49 7.95 14.67
N ASP A 299 -30.19 8.13 13.39
CA ASP A 299 -28.81 8.34 12.95
C ASP A 299 -28.31 9.74 13.27
N ILE A 300 -27.03 9.86 13.65
CA ILE A 300 -26.41 11.17 13.75
C ILE A 300 -25.68 11.44 12.44
N GLY A 301 -26.10 12.50 11.75
CA GLY A 301 -25.52 12.93 10.50
C GLY A 301 -24.74 14.22 10.62
N THR A 302 -24.29 14.72 9.48
CA THR A 302 -23.48 15.95 9.37
C THR A 302 -24.11 17.18 10.01
N PRO A 303 -25.42 17.39 9.85
CA PRO A 303 -26.03 18.53 10.54
C PRO A 303 -25.78 18.36 12.04
N GLU A 304 -26.14 17.18 12.55
CA GLU A 304 -26.04 16.84 13.95
C GLU A 304 -24.59 16.94 14.46
N LEU A 305 -23.64 16.60 13.58
CA LEU A 305 -22.22 16.64 13.93
C LEU A 305 -21.69 18.07 14.03
N ARG A 306 -22.10 18.95 13.12
CA ARG A 306 -21.68 20.37 13.20
C ARG A 306 -22.06 20.88 14.59
N ILE A 307 -23.29 20.55 14.99
CA ILE A 307 -23.83 20.91 16.30
C ILE A 307 -23.02 20.29 17.45
N LEU A 308 -22.69 19.00 17.34
CA LEU A 308 -21.87 18.33 18.35
C LEU A 308 -20.48 18.92 18.45
N ASN A 309 -19.92 19.33 17.32
CA ASN A 309 -18.60 19.98 17.32
C ASN A 309 -18.58 21.21 18.25
N GLU A 310 -19.67 21.98 18.21
CA GLU A 310 -19.81 23.16 19.06
C GLU A 310 -19.97 22.79 20.52
N GLU A 311 -21.03 22.04 20.85
CA GLU A 311 -21.37 21.66 22.22
C GLU A 311 -20.22 21.05 23.03
N LEU A 312 -19.28 20.42 22.33
CA LEU A 312 -18.25 19.60 22.99
C LEU A 312 -16.92 20.31 23.17
N LYS A 313 -16.74 21.44 22.48
CA LYS A 313 -15.49 22.20 22.50
C LYS A 313 -14.28 21.28 22.31
N GLU A 314 -14.52 20.14 21.69
CA GLU A 314 -13.45 19.25 21.30
C GLU A 314 -13.57 19.07 19.79
N ASP A 315 -12.49 19.31 19.07
CA ASP A 315 -12.47 19.04 17.62
C ASP A 315 -12.29 17.58 17.19
N LEU A 316 -11.68 16.77 18.05
CA LEU A 316 -11.48 15.37 17.77
C LEU A 316 -12.21 14.57 18.83
N TYR A 317 -13.10 13.69 18.42
CA TYR A 317 -13.86 12.94 19.40
C TYR A 317 -14.49 11.68 18.84
N PHE A 318 -14.60 10.67 19.69
CA PHE A 318 -15.24 9.42 19.38
C PHE A 318 -16.74 9.52 19.74
N ILE A 319 -17.61 9.02 18.87
CA ILE A 319 -18.98 8.68 19.29
C ILE A 319 -19.01 7.17 19.44
N VAL A 320 -19.43 6.66 20.60
CA VAL A 320 -19.28 5.24 20.92
C VAL A 320 -20.61 4.59 21.31
N ASP A 321 -20.65 3.27 21.30
CA ASP A 321 -21.87 2.55 21.71
C ASP A 321 -23.08 2.99 20.90
N TRP A 322 -22.99 2.75 19.60
CA TRP A 322 -24.06 3.09 18.68
C TRP A 322 -25.10 2.04 18.87
N PRO A 323 -26.34 2.30 18.49
CA PRO A 323 -27.37 1.27 18.66
C PRO A 323 -26.91 0.06 17.86
N SER A 324 -27.03 -1.11 18.47
CA SER A 324 -26.63 -2.33 17.80
C SER A 324 -27.31 -2.50 16.42
N ASP A 325 -28.58 -2.10 16.30
CA ASP A 325 -29.26 -2.23 15.00
C ASP A 325 -28.88 -1.17 13.95
N ALA A 326 -28.21 -0.09 14.35
CA ALA A 326 -27.55 0.78 13.35
C ALA A 326 -26.16 0.27 12.84
N ARG A 327 -25.75 -0.91 13.31
CA ARG A 327 -24.39 -1.38 13.10
C ARG A 327 -24.36 -2.74 12.41
N PRO A 328 -23.27 -3.04 11.70
CA PRO A 328 -23.20 -4.27 10.91
C PRO A 328 -23.45 -5.55 11.73
N PHE A 329 -23.72 -6.67 11.05
CA PHE A 329 -24.02 -7.91 11.75
C PHE A 329 -22.81 -8.48 12.47
N TYR A 330 -21.62 -8.17 11.99
CA TYR A 330 -20.37 -8.65 12.56
C TYR A 330 -19.88 -7.83 13.75
N THR A 331 -20.63 -6.81 14.15
CA THR A 331 -20.26 -6.00 15.31
C THR A 331 -20.88 -6.59 16.58
N LYS A 332 -20.05 -6.75 17.61
CA LYS A 332 -20.47 -7.41 18.83
C LYS A 332 -21.33 -6.47 19.66
N SER A 333 -22.43 -7.01 20.16
CA SER A 333 -23.34 -6.28 21.02
C SER A 333 -22.75 -6.19 22.41
N LYS A 334 -23.14 -5.18 23.17
CA LYS A 334 -22.67 -5.00 24.55
C LYS A 334 -23.26 -6.07 25.49
N SER A 335 -22.40 -6.57 26.38
CA SER A 335 -22.73 -7.63 27.35
C SER A 335 -23.97 -7.32 28.18
N GLU A 336 -24.06 -6.07 28.62
CA GLU A 336 -25.17 -5.59 29.44
C GLU A 336 -26.07 -4.64 28.64
N PRO A 338 -27.28 -4.71 24.97
CA PRO A 338 -27.48 -5.40 23.69
C PRO A 338 -28.28 -4.59 22.68
N GLU A 339 -29.02 -3.61 23.16
CA GLU A 339 -29.61 -2.61 22.27
C GLU A 339 -28.43 -1.75 21.80
N LEU A 340 -27.33 -1.81 22.55
CA LEU A 340 -26.11 -1.09 22.24
C LEU A 340 -25.05 -2.04 21.70
N SER A 341 -24.11 -1.49 20.94
CA SER A 341 -23.05 -2.33 20.39
C SER A 341 -21.68 -1.73 20.74
N GLU A 342 -20.64 -2.54 20.74
CA GLU A 342 -19.24 -2.10 20.94
C GLU A 342 -18.67 -1.57 19.65
N SER A 343 -18.97 -0.31 19.39
CA SER A 343 -18.67 0.33 18.13
C SER A 343 -18.16 1.73 18.39
N PHE A 344 -17.46 2.33 17.43
CA PHE A 344 -17.11 3.74 17.60
C PHE A 344 -16.94 4.38 16.25
N ASP A 345 -17.12 5.68 16.17
CA ASP A 345 -16.72 6.45 15.01
C ASP A 345 -15.82 7.52 15.54
N LEU A 346 -14.68 7.77 14.87
CA LEU A 346 -13.88 8.93 15.19
C LEU A 346 -14.27 10.11 14.32
N ILE A 347 -14.51 11.26 14.97
CA ILE A 347 -14.95 12.49 14.30
C ILE A 347 -13.96 13.63 14.42
N TYR A 348 -13.76 14.31 13.31
CA TYR A 348 -13.03 15.54 13.36
C TYR A 348 -14.00 16.62 12.96
N LYS A 349 -14.53 17.32 13.98
CA LYS A 349 -15.37 18.49 13.80
C LYS A 349 -16.75 17.99 13.40
N PHE A 350 -16.97 17.87 12.09
CA PHE A 350 -18.22 17.37 11.52
C PHE A 350 -18.00 16.24 10.48
N LEU A 351 -16.78 15.73 10.37
CA LEU A 351 -16.47 14.73 9.35
C LEU A 351 -16.07 13.38 9.97
N GLU A 352 -16.77 12.29 9.62
CA GLU A 352 -16.41 10.96 10.12
C GLU A 352 -15.05 10.53 9.59
N ILE A 353 -14.07 10.28 10.44
CA ILE A 353 -12.75 9.88 9.93
C ILE A 353 -12.47 8.36 9.98
N VAL A 354 -12.85 7.69 11.05
CA VAL A 354 -12.59 6.27 11.22
C VAL A 354 -13.86 5.67 11.79
N SER A 355 -14.08 4.39 11.51
CA SER A 355 -15.05 3.60 12.29
C SER A 355 -14.52 2.19 12.60
N GLY A 356 -14.90 1.64 13.75
CA GLY A 356 -14.50 0.27 14.05
C GLY A 356 -15.34 -0.32 15.15
N SER A 357 -14.94 -1.47 15.65
CA SER A 357 -15.72 -2.11 16.68
C SER A 357 -15.06 -3.41 17.05
N THR A 358 -15.45 -3.99 18.18
CA THR A 358 -15.12 -5.40 18.39
C THR A 358 -16.04 -6.36 17.64
N ARG A 359 -15.49 -7.47 17.17
CA ARG A 359 -16.23 -8.27 16.24
C ARG A 359 -16.80 -9.41 16.99
N ASN A 360 -17.82 -10.02 16.42
CA ASN A 360 -18.30 -11.29 16.93
C ASN A 360 -17.31 -12.36 16.46
N HIS A 361 -17.26 -13.50 17.15
CA HIS A 361 -16.32 -14.58 16.81
C HIS A 361 -16.96 -15.95 16.98
N LYS A 362 -18.25 -15.98 17.31
CA LYS A 362 -19.02 -17.22 17.44
C LYS A 362 -19.99 -17.32 16.27
N ARG A 363 -20.02 -18.49 15.63
CA ARG A 363 -20.93 -18.72 14.49
C ARG A 363 -22.38 -18.43 14.87
N GLU A 364 -22.82 -18.99 16.00
CA GLU A 364 -24.19 -18.82 16.49
C GLU A 364 -24.66 -17.36 16.57
N VAL A 365 -23.84 -16.51 17.19
CA VAL A 365 -24.24 -15.12 17.39
C VAL A 365 -24.22 -14.31 16.11
N LEU A 366 -23.32 -14.66 15.20
CA LEU A 366 -23.28 -14.07 13.87
C LEU A 366 -24.55 -14.39 13.08
N GLU A 367 -25.00 -15.64 13.19
CA GLU A 367 -26.18 -16.13 12.49
C GLU A 367 -27.39 -15.40 13.02
N GLU A 368 -27.59 -15.45 14.35
CA GLU A 368 -28.64 -14.72 15.01
C GLU A 368 -28.64 -13.27 14.54
N ALA A 369 -27.55 -12.54 14.77
CA ALA A 369 -27.45 -11.16 14.33
C ALA A 369 -27.98 -10.99 12.90
N LEU A 370 -27.78 -11.99 12.05
CA LEU A 370 -28.23 -11.90 10.66
C LEU A 370 -29.75 -12.14 10.52
N LYS A 371 -30.30 -13.00 11.37
CA LYS A 371 -31.73 -13.24 11.45
C LYS A 371 -32.45 -11.98 11.94
N LYS A 372 -32.03 -11.45 13.09
CA LYS A 372 -32.58 -10.21 13.69
C LYS A 372 -32.45 -8.92 12.85
N LYS A 373 -31.60 -8.93 11.83
CA LYS A 373 -31.59 -7.86 10.87
C LYS A 373 -32.45 -8.24 9.66
N GLY A 374 -33.04 -9.45 9.70
CA GLY A 374 -33.89 -9.94 8.63
C GLY A 374 -33.15 -10.31 7.36
N LEU A 375 -31.99 -10.96 7.54
CA LEU A 375 -31.23 -11.55 6.44
C LEU A 375 -31.22 -13.08 6.67
N LYS A 376 -30.91 -13.84 5.62
CA LYS A 376 -30.90 -15.30 5.70
C LYS A 376 -29.48 -15.86 5.76
N PRO A 377 -29.09 -16.38 6.93
CA PRO A 377 -27.75 -16.93 7.15
C PRO A 377 -27.15 -17.72 5.99
N GLU A 378 -27.95 -18.54 5.31
CA GLU A 378 -27.42 -19.35 4.20
C GLU A 378 -26.71 -18.51 3.11
N SER A 379 -27.13 -17.26 2.97
CA SER A 379 -26.59 -16.35 1.95
C SER A 379 -25.27 -15.74 2.39
N PHE A 380 -24.97 -15.90 3.68
CA PHE A 380 -23.79 -15.33 4.29
C PHE A 380 -22.81 -16.41 4.74
N GLU A 381 -23.08 -17.64 4.33
CA GLU A 381 -22.28 -18.81 4.64
C GLU A 381 -20.78 -18.65 4.34
N PHE A 382 -20.39 -17.79 3.39
CA PHE A 382 -18.97 -17.60 3.06
C PHE A 382 -18.27 -16.73 4.10
N PHE A 383 -19.06 -16.01 4.88
CA PHE A 383 -18.56 -15.31 6.04
C PHE A 383 -18.49 -16.27 7.23
N LEU A 384 -19.63 -16.87 7.54
CA LEU A 384 -19.78 -17.72 8.72
C LEU A 384 -18.84 -18.92 8.83
N LYS A 385 -18.50 -19.54 7.70
CA LYS A 385 -17.82 -20.83 7.69
C LYS A 385 -16.55 -20.86 8.51
N TRP A 386 -15.82 -19.73 8.51
CA TRP A 386 -14.48 -19.69 9.10
C TRP A 386 -14.57 -19.70 10.58
N PHE A 387 -15.71 -19.26 11.08
CA PHE A 387 -15.90 -19.13 12.50
C PHE A 387 -16.16 -20.46 13.18
N ASP A 388 -16.12 -21.54 12.40
CA ASP A 388 -16.28 -22.91 12.90
C ASP A 388 -15.00 -23.49 13.50
N TYR A 389 -13.88 -22.81 13.26
CA TYR A 389 -12.57 -23.37 13.55
C TYR A 389 -11.70 -22.38 14.25
N GLY A 390 -12.21 -21.85 15.35
CA GLY A 390 -11.46 -20.98 16.23
C GLY A 390 -11.12 -19.59 15.78
N MET A 391 -12.13 -18.81 15.47
CA MET A 391 -11.85 -17.39 15.36
C MET A 391 -11.79 -16.89 16.81
N PRO A 392 -10.73 -16.13 17.09
CA PRO A 392 -10.49 -15.56 18.39
C PRO A 392 -11.21 -14.23 18.51
N PRO A 393 -11.37 -13.77 19.72
CA PRO A 393 -11.81 -12.39 19.90
C PRO A 393 -10.92 -11.44 19.11
N HIS A 394 -11.56 -10.45 18.52
CA HIS A 394 -10.87 -9.46 17.73
C HIS A 394 -11.66 -8.23 17.56
N ALA A 395 -10.99 -7.20 17.03
CA ALA A 395 -11.59 -5.90 16.78
C ALA A 395 -10.74 -5.17 15.79
N GLY A 396 -11.24 -4.04 15.30
CA GLY A 396 -10.51 -3.33 14.27
C GLY A 396 -11.18 -2.05 13.82
N PHE A 397 -10.68 -1.47 12.74
CA PHE A 397 -11.19 -0.20 12.24
C PHE A 397 -10.71 0.08 10.84
N GLY A 398 -11.26 1.12 10.23
CA GLY A 398 -10.92 1.47 8.87
C GLY A 398 -10.95 2.97 8.90
N MET A 399 -9.91 3.59 8.36
CA MET A 399 -9.80 5.01 8.32
C MET A 399 -9.62 5.41 6.85
N GLY A 400 -10.44 6.37 6.40
CA GLY A 400 -10.26 6.94 5.08
C GLY A 400 -9.04 7.85 5.01
N LEU A 401 -8.12 7.52 4.12
CA LEU A 401 -6.87 8.29 3.99
C LEU A 401 -7.17 9.75 3.64
N ALA A 402 -8.19 9.95 2.76
CA ALA A 402 -8.48 11.29 2.24
C ALA A 402 -9.14 12.13 3.31
N ARG A 403 -9.96 11.47 4.12
CA ARG A 403 -10.69 12.14 5.21
C ARG A 403 -9.67 12.47 6.32
N LEU A 404 -8.83 11.52 6.69
CA LEU A 404 -7.69 11.87 7.56
C LEU A 404 -7.06 13.13 7.01
N MET A 405 -6.88 13.18 5.72
CA MET A 405 -6.07 14.24 5.12
C MET A 405 -6.56 15.66 5.39
N VAL A 406 -7.88 15.77 5.59
CA VAL A 406 -8.55 17.01 5.93
C VAL A 406 -8.06 17.51 7.29
N MET A 407 -7.92 16.60 8.23
CA MET A 407 -7.35 16.86 9.56
C MET A 407 -5.89 17.32 9.45
N LEU A 408 -5.19 16.85 8.42
CA LEU A 408 -3.74 17.15 8.31
C LEU A 408 -3.42 18.41 7.49
N THR A 409 -4.41 18.94 6.76
CA THR A 409 -4.10 19.94 5.73
C THR A 409 -5.10 21.08 5.79
N GLY A 410 -6.24 20.81 6.41
CA GLY A 410 -7.30 21.79 6.41
C GLY A 410 -8.10 21.92 5.14
N ILE A 411 -7.76 21.18 4.08
CA ILE A 411 -8.46 21.26 2.81
C ILE A 411 -9.86 20.65 2.93
N GLN A 412 -10.88 21.35 2.42
CA GLN A 412 -12.28 20.96 2.65
C GLN A 412 -12.90 20.23 1.47
N SER A 413 -12.14 20.06 0.40
CA SER A 413 -12.67 19.28 -0.71
C SER A 413 -11.81 18.03 -0.97
N VAL A 414 -12.45 16.87 -0.92
CA VAL A 414 -11.82 15.60 -1.29
C VAL A 414 -11.21 15.62 -2.69
N LYS A 415 -11.86 16.27 -3.65
CA LYS A 415 -11.23 16.41 -4.96
C LYS A 415 -10.03 17.37 -5.01
N GLU A 416 -9.78 18.08 -3.91
CA GLU A 416 -8.55 18.86 -3.85
C GLU A 416 -7.47 18.09 -3.09
N ILE A 417 -7.77 16.86 -2.69
CA ILE A 417 -6.78 16.09 -1.94
C ILE A 417 -6.30 14.93 -2.80
N VAL A 418 -7.23 14.25 -3.43
CA VAL A 418 -6.94 13.10 -4.26
C VAL A 418 -6.48 13.59 -5.65
N PRO A 419 -5.30 13.18 -6.09
CA PRO A 419 -4.78 13.58 -7.39
C PRO A 419 -5.77 13.27 -8.53
N PHE A 420 -6.11 11.99 -8.69
CA PHE A 420 -6.99 11.58 -9.77
C PHE A 420 -8.28 11.04 -9.21
N PRO A 421 -9.19 11.96 -8.88
CA PRO A 421 -10.43 11.59 -8.18
C PRO A 421 -11.37 10.77 -9.05
N ARG A 422 -12.24 9.96 -8.45
CA ARG A 422 -13.20 9.11 -9.17
C ARG A 422 -14.57 9.25 -8.55
N ASP A 423 -15.56 9.64 -9.34
CA ASP A 423 -16.99 9.66 -8.94
C ASP A 423 -17.97 9.56 -10.14
N LYS A 424 -19.28 9.70 -9.88
CA LYS A 424 -20.28 9.49 -10.92
C LYS A 424 -20.02 10.29 -12.20
N LYS A 425 -19.54 11.51 -12.09
CA LYS A 425 -19.24 12.20 -13.33
C LYS A 425 -17.74 12.43 -13.56
N ARG A 426 -16.89 11.64 -12.89
CA ARG A 426 -15.43 11.78 -13.10
C ARG A 426 -14.71 10.44 -13.25
N LEU A 427 -14.11 10.25 -14.43
CA LEU A 427 -13.41 9.01 -14.79
C LEU A 427 -12.03 9.25 -15.42
N THR A 428 -11.89 10.40 -16.09
CA THR A 428 -10.61 10.76 -16.68
C THR A 428 -10.37 12.23 -16.37
N PRO A 429 -9.13 12.59 -15.99
CA PRO A 429 -8.01 11.65 -15.97
C PRO A 429 -8.13 10.60 -14.88
N MET B 1 -4.70 -7.58 27.95
CA MET B 1 -5.89 -8.00 27.17
C MET B 1 -6.26 -9.46 27.54
N TYR B 2 -5.86 -10.45 26.75
CA TYR B 2 -6.25 -11.81 27.10
C TYR B 2 -5.07 -12.61 27.63
N ARG B 3 -3.94 -11.95 27.73
CA ARG B 3 -2.70 -12.59 28.12
C ARG B 3 -1.86 -11.55 28.82
N SER B 4 -0.83 -12.02 29.53
CA SER B 4 0.22 -11.14 30.04
C SER B 4 1.44 -11.26 29.12
N HIS B 5 1.74 -12.46 28.64
CA HIS B 5 2.91 -12.64 27.77
C HIS B 5 2.60 -13.43 26.50
N PHE B 6 3.29 -13.09 25.43
CA PHE B 6 3.39 -13.94 24.27
C PHE B 6 4.32 -15.08 24.60
N ILE B 7 4.10 -16.24 24.00
CA ILE B 7 4.84 -17.44 24.36
C ILE B 7 6.35 -17.16 24.36
N ALA B 8 6.82 -16.56 23.28
CA ALA B 8 8.22 -16.27 23.04
C ALA B 8 8.85 -15.27 24.06
N ASP B 9 8.00 -14.52 24.76
CA ASP B 9 8.41 -13.55 25.77
C ASP B 9 9.03 -14.17 27.05
N VAL B 10 8.72 -15.46 27.28
CA VAL B 10 9.10 -16.20 28.48
C VAL B 10 10.47 -16.89 28.34
N THR B 11 11.36 -16.66 29.31
CA THR B 11 12.70 -17.29 29.35
C THR B 11 12.84 -18.13 30.63
N PRO B 12 13.83 -19.06 30.66
CA PRO B 12 14.12 -19.84 31.88
C PRO B 12 14.18 -18.96 33.12
N GLU B 13 14.63 -17.70 32.94
CA GLU B 13 14.62 -16.69 33.99
C GLU B 13 13.23 -16.32 34.50
N TYR B 14 12.23 -17.17 34.23
CA TYR B 14 10.83 -16.92 34.62
C TYR B 14 10.31 -18.01 35.55
N ASP B 15 11.20 -18.95 35.89
CA ASP B 15 10.89 -20.08 36.77
C ASP B 15 10.13 -19.62 38.01
N GLY B 16 9.12 -20.40 38.37
CA GLY B 16 8.25 -20.07 39.48
C GLY B 16 7.32 -18.90 39.26
N LYS B 17 7.35 -18.27 38.09
CA LYS B 17 6.49 -17.10 37.88
C LYS B 17 5.13 -17.40 37.22
N GLU B 18 4.11 -16.63 37.59
CA GLU B 18 2.79 -16.76 36.98
C GLU B 18 2.65 -15.96 35.68
N VAL B 19 2.21 -16.65 34.63
CA VAL B 19 2.09 -16.04 33.32
C VAL B 19 0.71 -16.36 32.75
N ILE B 20 0.19 -15.48 31.90
CA ILE B 20 -1.02 -15.79 31.15
C ILE B 20 -0.72 -15.83 29.67
N TRP B 21 -0.88 -17.02 29.08
CA TRP B 21 -0.79 -17.21 27.64
C TRP B 21 -2.19 -17.20 27.05
N ALA B 22 -2.29 -16.75 25.79
CA ALA B 22 -3.51 -16.96 24.99
C ALA B 22 -3.18 -17.46 23.60
N GLY B 23 -4.09 -18.25 23.03
CA GLY B 23 -3.86 -18.73 21.69
C GLY B 23 -4.63 -19.95 21.30
N TRP B 24 -4.07 -20.68 20.34
CA TRP B 24 -4.69 -21.81 19.70
C TRP B 24 -4.11 -23.14 20.19
N VAL B 25 -5.01 -24.06 20.46
CA VAL B 25 -4.68 -25.46 20.68
C VAL B 25 -4.08 -26.06 19.41
N HIS B 26 -2.74 -26.10 19.36
CA HIS B 26 -1.99 -26.71 18.26
C HIS B 26 -1.97 -28.26 18.26
N LEU B 27 -1.67 -28.84 19.42
CA LEU B 27 -1.64 -30.29 19.60
C LEU B 27 -2.05 -30.63 21.00
N LEU B 28 -2.47 -31.88 21.17
CA LEU B 28 -3.04 -32.36 22.41
C LEU B 28 -2.54 -33.82 22.54
N ARG B 29 -1.69 -34.07 23.53
CA ARG B 29 -1.27 -35.45 23.82
C ARG B 29 -1.40 -35.76 25.31
N ASP B 30 -1.53 -37.05 25.62
CA ASP B 30 -1.62 -37.52 27.00
C ASP B 30 -0.51 -38.52 27.27
N LEU B 31 0.25 -38.28 28.33
CA LEU B 31 1.35 -39.17 28.73
C LEU B 31 1.53 -39.17 30.24
N GLY B 32 1.44 -40.36 30.83
CA GLY B 32 1.65 -40.52 32.25
C GLY B 32 0.57 -39.85 33.11
N GLY B 33 -0.68 -39.87 32.64
CA GLY B 33 -1.75 -39.16 33.31
C GLY B 33 -1.63 -37.63 33.23
N LYS B 34 -0.64 -37.12 32.50
CA LYS B 34 -0.55 -35.67 32.23
C LYS B 34 -1.02 -35.34 30.82
N LYS B 35 -1.67 -34.18 30.71
CA LYS B 35 -2.13 -33.66 29.42
C LYS B 35 -1.14 -32.61 28.94
N PHE B 36 -0.65 -32.79 27.73
CA PHE B 36 0.26 -31.84 27.15
C PHE B 36 -0.45 -31.03 26.07
N ILE B 37 -0.46 -29.71 26.19
CA ILE B 37 -1.02 -28.87 25.14
C ILE B 37 0.07 -28.07 24.50
N ILE B 38 0.36 -28.30 23.21
CA ILE B 38 1.14 -27.36 22.46
C ILE B 38 0.18 -26.21 22.07
N LEU B 39 0.49 -25.02 22.57
CA LEU B 39 -0.28 -23.83 22.27
C LEU B 39 0.44 -23.02 21.21
N ARG B 40 -0.34 -22.31 20.39
CA ARG B 40 0.21 -21.45 19.32
C ARG B 40 -0.33 -20.04 19.46
N ASP B 41 0.56 -19.06 19.34
CA ASP B 41 0.22 -17.65 19.30
C ASP B 41 1.08 -17.06 18.21
N LYS B 42 1.01 -15.75 17.99
CA LYS B 42 1.73 -15.17 16.85
C LYS B 42 3.26 -15.28 16.96
N THR B 43 3.81 -15.48 18.17
CA THR B 43 5.29 -15.65 18.32
C THR B 43 5.81 -17.07 18.14
N GLY B 44 4.92 -18.04 18.27
CA GLY B 44 5.23 -19.43 17.94
C GLY B 44 4.53 -20.37 18.88
N LEU B 45 5.24 -21.45 19.20
CA LEU B 45 4.66 -22.60 19.87
C LEU B 45 5.24 -22.82 21.25
N GLY B 46 4.38 -22.82 22.25
CA GLY B 46 4.77 -23.20 23.58
C GLY B 46 4.24 -24.57 23.99
N GLN B 47 4.63 -25.01 25.18
CA GLN B 47 4.20 -26.30 25.73
C GLN B 47 3.53 -26.02 27.05
N VAL B 48 2.30 -26.45 27.22
CA VAL B 48 1.68 -26.35 28.52
C VAL B 48 1.38 -27.74 29.07
N VAL B 49 1.49 -27.88 30.38
CA VAL B 49 1.20 -29.11 31.08
C VAL B 49 0.00 -28.92 32.03
N VAL B 50 -0.86 -29.92 32.07
CA VAL B 50 -1.98 -29.97 33.00
C VAL B 50 -1.86 -31.32 33.69
N ASP B 51 -1.40 -31.32 34.94
CA ASP B 51 -1.33 -32.58 35.67
C ASP B 51 -2.69 -32.94 36.25
N LYS B 52 -2.82 -34.18 36.70
CA LYS B 52 -4.08 -34.75 37.16
C LYS B 52 -4.83 -33.89 38.19
N ASN B 53 -4.12 -33.35 39.18
CA ASN B 53 -4.81 -32.73 40.30
C ASN B 53 -5.06 -31.22 40.17
N SER B 54 -4.76 -30.65 39.00
CA SER B 54 -5.08 -29.25 38.69
C SER B 54 -6.59 -29.06 38.46
N SER B 55 -7.12 -27.87 38.77
CA SER B 55 -8.54 -27.57 38.48
C SER B 55 -8.79 -27.37 36.97
N ALA B 56 -7.73 -27.16 36.19
CA ALA B 56 -7.81 -27.02 34.74
C ALA B 56 -7.93 -28.36 33.97
N PHE B 57 -7.76 -29.47 34.69
CA PHE B 57 -7.75 -30.78 34.06
C PHE B 57 -9.08 -31.08 33.38
N GLY B 58 -10.18 -30.73 34.05
CA GLY B 58 -11.52 -31.02 33.59
C GLY B 58 -11.82 -30.39 32.24
N ILE B 59 -11.57 -29.08 32.11
CA ILE B 59 -11.84 -28.41 30.87
C ILE B 59 -10.85 -28.85 29.78
N SER B 60 -9.59 -29.08 30.15
CA SER B 60 -8.56 -29.50 29.18
C SER B 60 -8.97 -30.76 28.42
N GLN B 61 -9.90 -31.53 28.99
CA GLN B 61 -10.33 -32.80 28.42
C GLN B 61 -11.34 -32.61 27.30
N GLU B 62 -11.94 -31.43 27.23
CA GLU B 62 -12.96 -31.19 26.21
C GLU B 62 -12.41 -30.36 25.03
N LEU B 63 -11.16 -29.91 25.18
CA LEU B 63 -10.43 -29.12 24.20
C LEU B 63 -10.14 -29.87 22.90
N THR B 64 -10.11 -29.13 21.80
CA THR B 64 -9.96 -29.71 20.48
C THR B 64 -9.02 -28.82 19.75
N GLN B 65 -8.38 -29.36 18.72
CA GLN B 65 -7.39 -28.58 17.97
C GLN B 65 -8.08 -27.38 17.31
N GLU B 66 -7.35 -26.27 17.33
CA GLU B 66 -7.75 -24.95 16.80
C GLU B 66 -8.75 -24.15 17.64
N SER B 67 -9.22 -24.70 18.76
CA SER B 67 -9.91 -23.89 19.76
C SER B 67 -9.00 -22.80 20.32
N VAL B 68 -9.61 -21.70 20.69
CA VAL B 68 -8.86 -20.57 21.18
C VAL B 68 -8.99 -20.56 22.70
N ILE B 69 -7.84 -20.59 23.39
CA ILE B 69 -7.88 -20.61 24.83
C ILE B 69 -7.03 -19.52 25.49
N GLN B 70 -7.39 -19.26 26.74
CA GLN B 70 -6.59 -18.49 27.69
C GLN B 70 -6.05 -19.50 28.67
N VAL B 71 -4.75 -19.42 28.94
CA VAL B 71 -4.17 -20.27 30.01
C VAL B 71 -3.28 -19.50 31.01
N ARG B 72 -3.70 -19.53 32.26
CA ARG B 72 -2.93 -19.01 33.38
C ARG B 72 -2.23 -20.17 34.11
N GLY B 73 -0.91 -20.09 34.24
CA GLY B 73 -0.16 -21.07 35.01
C GLY B 73 1.19 -20.57 35.50
N ILE B 74 2.01 -21.48 36.01
CA ILE B 74 3.31 -21.11 36.56
C ILE B 74 4.40 -21.64 35.67
N VAL B 75 5.34 -20.80 35.31
CA VAL B 75 6.49 -21.21 34.48
C VAL B 75 7.38 -22.23 35.22
N LYS B 76 7.88 -23.21 34.46
CA LYS B 76 8.79 -24.23 34.94
C LYS B 76 9.92 -24.33 33.94
N ALA B 77 11.16 -24.08 34.36
CA ALA B 77 12.33 -24.22 33.47
C ALA B 77 12.67 -25.71 33.32
N ASP B 78 13.21 -26.13 32.16
CA ASP B 78 13.41 -27.57 31.89
C ASP B 78 14.55 -27.91 30.94
N LYS B 79 14.66 -27.19 29.83
CA LYS B 79 15.69 -27.45 28.80
C LYS B 79 15.35 -28.65 27.91
N ARG B 80 14.70 -29.67 28.47
CA ARG B 80 14.09 -30.72 27.66
C ARG B 80 12.84 -30.16 26.94
N ALA B 81 12.42 -28.95 27.35
CA ALA B 81 11.21 -28.31 26.83
C ALA B 81 11.54 -27.12 25.90
N PRO B 82 10.58 -26.69 25.06
CA PRO B 82 10.83 -25.65 24.05
C PRO B 82 11.38 -24.36 24.66
N ARG B 83 12.44 -23.81 24.06
CA ARG B 83 13.08 -22.60 24.56
C ARG B 83 13.43 -22.72 26.05
N GLY B 84 13.48 -23.96 26.54
CA GLY B 84 13.81 -24.22 27.93
C GLY B 84 12.69 -24.09 28.96
N ILE B 85 11.44 -23.91 28.52
CA ILE B 85 10.33 -23.78 29.45
C ILE B 85 9.04 -24.50 29.06
N GLU B 86 8.13 -24.50 30.04
CA GLU B 86 6.77 -24.97 29.89
C GLU B 86 5.92 -24.27 30.95
N LEU B 87 4.62 -24.16 30.66
CA LEU B 87 3.62 -23.54 31.51
C LEU B 87 2.83 -24.64 32.18
N HIS B 88 2.76 -24.60 33.52
CA HIS B 88 2.02 -25.61 34.26
C HIS B 88 0.64 -25.05 34.52
N ALA B 89 -0.36 -25.57 33.84
CA ALA B 89 -1.65 -24.88 33.82
C ALA B 89 -2.37 -24.93 35.17
N GLU B 90 -2.99 -23.79 35.54
CA GLU B 90 -3.84 -23.73 36.73
C GLU B 90 -5.28 -23.43 36.36
N GLU B 91 -5.44 -22.65 35.29
CA GLU B 91 -6.76 -22.24 34.81
C GLU B 91 -6.73 -22.06 33.31
N ILE B 92 -7.76 -22.61 32.64
CA ILE B 92 -7.93 -22.49 31.22
C ILE B 92 -9.36 -22.02 30.91
N THR B 93 -9.45 -20.98 30.09
CA THR B 93 -10.73 -20.49 29.64
C THR B 93 -10.90 -20.76 28.15
N LEU B 94 -12.07 -21.27 27.78
CA LEU B 94 -12.44 -21.53 26.41
C LEU B 94 -13.02 -20.25 25.80
N LEU B 95 -12.31 -19.66 24.84
CA LEU B 95 -12.75 -18.38 24.28
C LEU B 95 -13.64 -18.69 23.11
N SER B 96 -13.23 -19.68 22.33
CA SER B 96 -13.90 -20.04 21.11
C SER B 96 -13.57 -21.52 20.78
N LYS B 97 -14.60 -22.37 20.81
CA LYS B 97 -14.45 -23.81 20.63
C LYS B 97 -14.51 -24.10 19.13
N ALA B 98 -13.70 -25.03 18.66
CA ALA B 98 -13.71 -25.40 17.24
C ALA B 98 -14.40 -26.75 17.04
N LYS B 99 -15.23 -26.83 16.01
CA LYS B 99 -15.75 -28.12 15.54
C LYS B 99 -14.62 -29.13 15.31
N ALA B 100 -14.96 -30.40 15.47
CA ALA B 100 -14.00 -31.49 15.34
C ALA B 100 -14.70 -32.58 14.55
N PRO B 101 -13.96 -33.32 13.73
CA PRO B 101 -12.52 -33.11 13.53
C PRO B 101 -12.31 -31.98 12.54
N LEU B 102 -11.04 -31.58 12.39
CA LEU B 102 -10.64 -30.54 11.45
C LEU B 102 -10.64 -31.10 10.04
N PRO B 103 -11.02 -30.26 9.09
CA PRO B 103 -10.92 -30.62 7.67
C PRO B 103 -9.50 -30.43 7.13
N LEU B 104 -8.69 -29.67 7.84
CA LEU B 104 -7.30 -29.50 7.45
C LEU B 104 -6.43 -29.50 8.69
N ASP B 105 -5.32 -30.22 8.63
CA ASP B 105 -4.42 -30.35 9.77
C ASP B 105 -3.38 -29.25 9.83
N VAL B 106 -3.53 -28.37 10.82
CA VAL B 106 -2.63 -27.22 10.95
C VAL B 106 -1.18 -27.65 11.27
N SER B 107 -1.02 -28.83 11.84
CA SER B 107 0.33 -29.37 12.10
C SER B 107 0.67 -30.67 11.38
N GLY B 108 -0.21 -31.14 10.49
CA GLY B 108 -0.03 -32.42 9.81
C GLY B 108 0.90 -32.58 8.59
N LYS B 109 1.44 -31.47 8.07
CA LYS B 109 2.14 -31.42 6.76
C LYS B 109 1.17 -31.38 5.57
N VAL B 110 1.63 -30.75 4.49
CA VAL B 110 0.81 -30.50 3.30
C VAL B 110 0.17 -31.76 2.72
N LYS B 111 -1.11 -31.96 3.01
CA LYS B 111 -1.89 -32.95 2.30
C LYS B 111 -2.98 -32.23 1.48
N ALA B 112 -3.40 -32.89 0.41
CA ALA B 112 -4.34 -32.35 -0.57
C ALA B 112 -3.80 -31.19 -1.41
N ASP B 113 -4.41 -31.03 -2.57
CA ASP B 113 -4.05 -29.98 -3.52
C ASP B 113 -4.41 -28.59 -3.01
N ILE B 114 -3.83 -27.61 -3.69
CA ILE B 114 -4.15 -26.21 -3.54
C ILE B 114 -5.67 -25.91 -3.37
N ASP B 115 -6.49 -26.50 -4.24
CA ASP B 115 -7.92 -26.18 -4.21
C ASP B 115 -8.66 -26.68 -3.00
N THR B 116 -8.29 -27.84 -2.50
CA THR B 116 -8.76 -28.35 -1.20
C THR B 116 -8.32 -27.50 -0.02
N ARG B 117 -7.12 -26.96 -0.08
CA ARG B 117 -6.63 -26.07 0.95
C ARG B 117 -7.30 -24.70 0.95
N LEU B 118 -7.57 -24.17 -0.24
CA LEU B 118 -8.32 -22.93 -0.41
C LEU B 118 -9.76 -23.00 0.13
N ARG B 119 -10.35 -24.18 0.22
CA ARG B 119 -11.64 -24.28 0.93
C ARG B 119 -11.46 -24.09 2.43
N GLU B 120 -10.22 -24.29 2.90
CA GLU B 120 -9.92 -24.18 4.33
C GLU B 120 -8.64 -23.39 4.47
N ARG B 121 -8.66 -22.23 3.85
CA ARG B 121 -7.47 -21.44 3.63
C ARG B 121 -6.90 -20.92 4.95
N VAL B 122 -7.77 -20.49 5.84
CA VAL B 122 -7.38 -20.06 7.18
C VAL B 122 -6.61 -21.15 7.93
N LEU B 123 -7.13 -22.37 7.88
CA LEU B 123 -6.42 -23.44 8.52
C LEU B 123 -5.11 -23.67 7.82
N ASP B 124 -5.12 -23.59 6.50
CA ASP B 124 -3.90 -23.74 5.75
C ASP B 124 -2.90 -22.62 6.06
N LEU B 125 -3.35 -21.38 6.11
CA LEU B 125 -2.50 -20.21 6.38
C LEU B 125 -1.89 -20.27 7.77
N ARG B 126 -2.61 -20.90 8.70
CA ARG B 126 -2.09 -21.03 10.06
C ARG B 126 -0.84 -21.90 10.18
N ARG B 127 -0.49 -22.64 9.13
CA ARG B 127 0.60 -23.56 9.25
C ARG B 127 1.87 -22.73 9.38
N GLN B 128 2.85 -23.23 10.13
CA GLN B 128 4.11 -22.50 10.35
C GLN B 128 4.65 -21.92 9.06
N GLU B 129 4.79 -22.77 8.06
CA GLU B 129 5.30 -22.41 6.74
C GLU B 129 4.58 -21.20 6.11
N MET B 130 3.25 -21.15 6.18
CA MET B 130 2.51 -20.07 5.55
C MET B 130 2.66 -18.82 6.39
N GLN B 131 2.49 -18.99 7.69
CA GLN B 131 2.76 -17.92 8.63
C GLN B 131 4.10 -17.21 8.35
N ALA B 132 5.13 -18.00 8.05
CA ALA B 132 6.47 -17.44 7.74
C ALA B 132 6.46 -16.62 6.44
N VAL B 133 5.67 -17.09 5.47
CA VAL B 133 5.51 -16.38 4.22
C VAL B 133 4.85 -15.03 4.47
N ILE B 134 3.83 -15.03 5.29
CA ILE B 134 3.03 -13.84 5.53
C ILE B 134 3.92 -12.81 6.22
N LYS B 135 4.71 -13.29 7.16
CA LYS B 135 5.67 -12.45 7.88
C LYS B 135 6.76 -11.85 7.01
N ILE B 136 7.30 -12.63 6.08
CA ILE B 136 8.42 -12.18 5.24
C ILE B 136 7.98 -11.12 4.25
N GLN B 137 6.78 -11.31 3.68
CA GLN B 137 6.21 -10.34 2.79
C GLN B 137 6.14 -8.98 3.45
N SER B 138 5.76 -8.93 4.73
CA SER B 138 5.52 -7.67 5.42
C SER B 138 6.84 -6.94 5.65
N LEU B 139 7.86 -7.73 5.97
CA LEU B 139 9.21 -7.25 6.17
C LEU B 139 9.76 -6.85 4.83
N ALA B 140 9.31 -7.51 3.76
CA ALA B 140 9.87 -7.16 2.47
C ALA B 140 9.36 -5.78 2.03
N LEU B 141 8.16 -5.44 2.44
CA LEU B 141 7.57 -4.19 2.01
C LEU B 141 8.18 -3.01 2.80
N LYS B 142 8.40 -3.27 4.08
CA LYS B 142 9.02 -2.33 4.99
C LYS B 142 10.40 -1.97 4.42
N ALA B 143 11.18 -2.97 4.02
CA ALA B 143 12.55 -2.74 3.58
C ALA B 143 12.55 -2.03 2.26
N PHE B 144 11.50 -2.28 1.48
CA PHE B 144 11.35 -1.66 0.17
C PHE B 144 11.14 -0.17 0.37
N ARG B 145 10.25 0.21 1.28
CA ARG B 145 9.89 1.60 1.41
C ARG B 145 11.03 2.34 2.10
N GLU B 146 11.64 1.69 3.08
CA GLU B 146 12.76 2.28 3.83
C GLU B 146 13.87 2.80 2.91
N THR B 147 14.32 1.97 1.97
CA THR B 147 15.33 2.35 1.00
C THR B 147 14.88 3.55 0.20
N LEU B 148 13.60 3.55 -0.17
CA LEU B 148 13.04 4.57 -1.03
C LEU B 148 12.93 5.93 -0.35
N TYR B 149 12.54 5.91 0.94
CA TYR B 149 12.44 7.12 1.76
C TYR B 149 13.80 7.73 1.92
N LYS B 150 14.82 6.88 2.07
CA LYS B 150 16.22 7.35 2.17
C LYS B 150 16.63 8.12 0.91
N GLU B 151 16.01 7.81 -0.23
CA GLU B 151 16.37 8.48 -1.49
C GLU B 151 15.41 9.62 -1.78
N GLY B 152 14.56 9.90 -0.80
CA GLY B 152 13.55 10.92 -0.94
C GLY B 152 12.41 10.58 -1.89
N PHE B 153 12.07 9.29 -1.99
CA PHE B 153 10.89 8.93 -2.77
C PHE B 153 9.59 9.16 -1.97
N ILE B 154 8.56 9.62 -2.66
CA ILE B 154 7.26 9.96 -2.07
C ILE B 154 6.29 8.84 -2.45
N GLU B 155 5.54 8.34 -1.45
CA GLU B 155 4.58 7.29 -1.68
C GLU B 155 3.28 7.89 -2.25
N ILE B 156 2.70 7.20 -3.27
CA ILE B 156 1.45 7.63 -3.96
C ILE B 156 0.36 6.54 -4.18
N PHE B 157 -0.84 6.96 -4.57
CA PHE B 157 -1.93 6.05 -4.92
C PHE B 157 -2.64 6.59 -6.19
N THR B 158 -2.53 5.83 -7.29
CA THR B 158 -3.10 6.23 -8.57
C THR B 158 -4.43 5.46 -8.85
N PRO B 159 -5.23 5.97 -9.79
CA PRO B 159 -6.56 5.38 -10.03
C PRO B 159 -6.45 3.95 -10.51
N LYS B 160 -7.31 3.11 -9.97
CA LYS B 160 -7.32 1.72 -10.38
C LYS B 160 -8.37 1.47 -11.48
N ILE B 161 -9.43 2.27 -11.49
CA ILE B 161 -10.42 2.22 -12.57
C ILE B 161 -10.12 3.29 -13.59
N ILE B 162 -9.94 2.87 -14.85
CA ILE B 162 -9.52 3.78 -15.91
C ILE B 162 -10.43 3.70 -17.14
N ALA B 163 -10.41 4.73 -17.97
CA ALA B 163 -11.25 4.75 -19.14
C ALA B 163 -10.77 3.79 -20.24
N SER B 164 -9.51 3.89 -20.64
CA SER B 164 -9.01 3.05 -21.73
C SER B 164 -7.62 2.59 -21.41
N ALA B 165 -7.18 1.51 -22.05
CA ALA B 165 -5.90 0.88 -21.79
C ALA B 165 -4.73 1.71 -22.26
N THR B 166 -3.58 1.53 -21.62
CA THR B 166 -2.38 2.27 -21.98
C THR B 166 -1.63 1.53 -23.09
N GLU B 167 -1.65 0.22 -23.04
CA GLU B 167 -1.10 -0.60 -24.13
C GLU B 167 -2.19 -1.52 -24.72
N GLY B 168 -2.71 -1.16 -25.89
CA GLY B 168 -3.68 -1.96 -26.65
C GLY B 168 -3.14 -3.34 -26.96
N GLY B 169 -3.97 -4.37 -26.81
CA GLY B 169 -3.50 -5.76 -26.83
C GLY B 169 -3.55 -6.40 -25.45
N ALA B 170 -3.29 -5.59 -24.41
CA ALA B 170 -3.48 -6.04 -23.04
C ALA B 170 -4.97 -6.22 -22.78
N GLN B 171 -5.29 -7.29 -22.08
CA GLN B 171 -6.67 -7.65 -21.80
C GLN B 171 -6.99 -7.23 -20.37
N LEU B 172 -8.01 -6.39 -20.25
CA LEU B 172 -8.38 -5.76 -18.98
C LEU B 172 -9.75 -6.18 -18.54
N PHE B 173 -9.97 -6.22 -17.24
CA PHE B 173 -11.30 -6.53 -16.74
C PHE B 173 -12.25 -5.37 -16.94
N PRO B 174 -13.37 -5.63 -17.61
CA PRO B 174 -14.47 -4.66 -17.69
C PRO B 174 -15.00 -4.31 -16.30
N VAL B 175 -15.09 -3.02 -16.00
CA VAL B 175 -15.84 -2.55 -14.84
C VAL B 175 -17.09 -1.75 -15.32
N ILE B 176 -18.27 -2.12 -14.87
CA ILE B 176 -19.45 -1.33 -15.24
C ILE B 176 -19.50 -0.14 -14.26
N TYR B 177 -19.23 1.05 -14.79
CA TYR B 177 -18.94 2.23 -13.98
C TYR B 177 -19.91 3.40 -14.29
N PHE B 178 -20.96 3.53 -13.50
CA PHE B 178 -21.95 4.60 -13.73
C PHE B 178 -22.34 4.68 -15.24
N GLY B 179 -22.62 3.51 -15.82
CA GLY B 179 -23.13 3.42 -17.20
C GLY B 179 -22.11 3.31 -18.31
N LYS B 180 -20.84 3.15 -17.94
CA LYS B 180 -19.79 3.10 -18.92
C LYS B 180 -19.02 1.82 -18.71
N GLU B 181 -18.41 1.33 -19.77
CA GLU B 181 -17.62 0.17 -19.63
C GLU B 181 -16.23 0.74 -19.33
N ALA B 182 -15.83 0.77 -18.06
CA ALA B 182 -14.41 1.09 -17.73
C ALA B 182 -13.65 -0.17 -17.42
N PHE B 183 -12.40 -0.03 -17.03
CA PHE B 183 -11.55 -1.18 -16.78
C PHE B 183 -10.60 -1.04 -15.54
N LEU B 184 -10.13 -2.20 -15.08
CA LEU B 184 -9.21 -2.31 -14.02
C LEU B 184 -7.75 -2.12 -14.60
N ALA B 185 -7.05 -1.17 -14.02
CA ALA B 185 -5.66 -0.89 -14.44
C ALA B 185 -4.76 -2.10 -14.36
N GLN B 186 -3.79 -2.23 -15.27
CA GLN B 186 -2.79 -3.30 -15.12
C GLN B 186 -1.50 -2.82 -14.46
N SER B 187 -1.37 -1.53 -14.26
CA SER B 187 -0.13 -1.00 -13.71
C SER B 187 -0.38 0.47 -13.53
N PRO B 188 0.34 1.16 -12.65
CA PRO B 188 0.11 2.59 -12.50
C PRO B 188 0.79 3.42 -13.60
N GLN B 189 1.46 2.74 -14.56
CA GLN B 189 2.33 3.33 -15.60
C GLN B 189 2.18 4.83 -15.90
N LEU B 190 1.09 5.21 -16.55
CA LEU B 190 0.90 6.59 -16.94
C LEU B 190 0.87 7.52 -15.74
N TYR B 191 0.19 7.12 -14.66
CA TYR B 191 -0.02 7.99 -13.52
C TYR B 191 1.26 8.28 -12.73
N LYS B 192 2.15 7.29 -12.64
CA LYS B 192 3.37 7.46 -11.86
C LYS B 192 4.36 8.31 -12.65
N GLU B 193 4.30 8.20 -13.98
CA GLU B 193 5.08 9.12 -14.82
C GLU B 193 4.62 10.53 -14.57
N LEU B 194 3.30 10.71 -14.56
CA LEU B 194 2.69 12.01 -14.31
C LEU B 194 3.12 12.58 -12.98
N MET B 195 3.04 11.76 -11.93
CA MET B 195 3.38 12.19 -10.59
C MET B 195 4.89 12.36 -10.46
N ALA B 196 5.67 11.65 -11.29
CA ALA B 196 7.09 11.95 -11.35
C ALA B 196 7.29 13.34 -11.97
N GLY B 197 6.31 13.77 -12.77
CA GLY B 197 6.43 15.00 -13.51
C GLY B 197 6.02 16.18 -12.65
N VAL B 198 5.68 15.90 -11.40
CA VAL B 198 5.29 16.91 -10.45
C VAL B 198 6.20 16.89 -9.20
N VAL B 199 6.34 15.72 -8.57
CA VAL B 199 7.23 15.68 -7.43
C VAL B 199 8.48 14.87 -7.63
N GLU B 200 8.85 14.56 -8.87
CA GLU B 200 10.11 13.86 -9.20
C GLU B 200 10.29 12.39 -8.78
N ARG B 201 10.03 12.07 -7.52
CA ARG B 201 10.41 10.74 -7.03
C ARG B 201 9.27 10.04 -6.33
N VAL B 202 8.70 8.99 -6.95
CA VAL B 202 7.45 8.40 -6.42
C VAL B 202 7.44 6.89 -6.38
N PHE B 203 6.85 6.28 -5.38
CA PHE B 203 6.54 4.86 -5.51
C PHE B 203 5.08 4.54 -5.20
N GLU B 204 4.65 3.36 -5.60
CA GLU B 204 3.37 2.84 -5.16
C GLU B 204 3.45 1.32 -5.04
N VAL B 205 2.90 0.79 -3.96
CA VAL B 205 2.72 -0.64 -3.82
C VAL B 205 1.19 -0.80 -3.78
N ALA B 206 0.62 -1.57 -4.70
CA ALA B 206 -0.85 -1.60 -4.81
C ALA B 206 -1.31 -2.67 -5.78
N PRO B 207 -2.60 -3.05 -5.70
CA PRO B 207 -3.14 -4.05 -6.60
C PRO B 207 -3.11 -3.58 -8.06
N ALA B 208 -2.89 -4.53 -8.97
CA ALA B 208 -3.20 -4.40 -10.39
C ALA B 208 -3.89 -5.71 -10.95
N TRP B 209 -4.30 -5.66 -12.22
CA TRP B 209 -5.07 -6.80 -12.73
C TRP B 209 -4.89 -7.06 -14.21
N ARG B 210 -4.91 -8.33 -14.57
CA ARG B 210 -4.81 -8.72 -15.97
C ARG B 210 -5.80 -9.78 -16.31
N ALA B 211 -6.46 -9.66 -17.45
CA ALA B 211 -7.55 -10.60 -17.78
C ALA B 211 -7.26 -11.81 -18.69
N GLU B 212 -6.01 -12.19 -18.90
CA GLU B 212 -5.72 -13.31 -19.81
C GLU B 212 -6.00 -14.62 -19.13
N GLU B 213 -6.11 -15.66 -19.96
CA GLU B 213 -6.32 -17.00 -19.44
C GLU B 213 -5.05 -17.90 -19.43
N SER B 214 -3.86 -17.29 -19.51
CA SER B 214 -2.59 -18.03 -19.43
C SER B 214 -2.55 -18.88 -18.14
N ASP B 215 -2.37 -20.19 -18.31
CA ASP B 215 -2.34 -21.17 -17.22
C ASP B 215 -0.92 -21.57 -16.77
N THR B 216 0.10 -20.80 -17.16
CA THR B 216 1.46 -21.09 -16.70
C THR B 216 1.64 -20.71 -15.23
N PRO B 217 2.76 -21.07 -14.62
CA PRO B 217 3.00 -20.65 -13.24
C PRO B 217 3.13 -19.14 -13.12
N PHE B 218 2.75 -18.62 -11.96
CA PHE B 218 2.87 -17.20 -11.66
C PHE B 218 2.13 -16.29 -12.58
N HIS B 219 0.83 -16.54 -12.72
CA HIS B 219 0.04 -15.69 -13.55
C HIS B 219 -1.34 -15.45 -12.95
N LEU B 220 -1.39 -15.04 -11.69
CA LEU B 220 -2.64 -14.59 -11.05
C LEU B 220 -3.33 -13.43 -11.81
N ALA B 221 -4.66 -13.32 -11.76
CA ALA B 221 -5.34 -12.25 -12.44
C ALA B 221 -5.30 -10.95 -11.65
N GLU B 222 -5.29 -11.10 -10.32
CA GLU B 222 -4.99 -10.02 -9.39
C GLU B 222 -3.58 -10.16 -8.75
N PHE B 223 -2.87 -9.04 -8.62
CA PHE B 223 -1.49 -9.09 -8.17
C PHE B 223 -1.03 -7.73 -7.66
N ILE B 224 -0.14 -7.76 -6.66
CA ILE B 224 0.44 -6.53 -6.13
C ILE B 224 1.70 -6.14 -6.86
N SER B 225 1.75 -4.90 -7.29
CA SER B 225 2.82 -4.37 -8.09
C SER B 225 3.52 -3.31 -7.24
N MET B 226 4.86 -3.33 -7.29
CA MET B 226 5.74 -2.45 -6.54
C MET B 226 6.46 -1.56 -7.55
N ASP B 227 6.02 -0.31 -7.63
CA ASP B 227 6.38 0.61 -8.73
C ASP B 227 7.13 1.81 -8.27
N VAL B 228 8.03 2.27 -9.14
CA VAL B 228 8.94 3.35 -8.82
C VAL B 228 9.19 4.13 -10.08
N GLU B 229 9.13 5.44 -9.98
CA GLU B 229 9.32 6.29 -11.13
C GLU B 229 10.19 7.45 -10.67
N MET B 230 11.24 7.74 -11.43
CA MET B 230 12.27 8.67 -10.97
C MET B 230 12.60 9.70 -12.06
N ALA B 231 12.26 10.96 -11.80
CA ALA B 231 12.64 12.02 -12.73
C ALA B 231 14.14 12.32 -12.67
N PHE B 232 14.67 12.73 -13.84
CA PHE B 232 16.10 13.00 -14.08
C PHE B 232 16.93 11.78 -13.80
N ALA B 233 16.54 10.69 -14.45
CA ALA B 233 17.14 9.40 -14.21
C ALA B 233 16.86 8.67 -15.47
N ASP B 234 17.79 7.80 -15.88
CA ASP B 234 17.52 6.85 -16.95
C ASP B 234 17.55 5.47 -16.38
N TYR B 235 17.56 4.46 -17.25
CA TYR B 235 17.43 3.09 -16.79
C TYR B 235 18.63 2.57 -16.02
N ASN B 236 19.82 3.07 -16.29
CA ASN B 236 20.96 2.68 -15.47
C ASN B 236 20.81 3.18 -14.05
N ASP B 237 20.28 4.40 -13.88
CA ASP B 237 20.08 4.95 -12.52
C ASP B 237 19.13 4.14 -11.65
N VAL B 238 17.98 3.76 -12.24
CA VAL B 238 16.97 3.02 -11.53
C VAL B 238 17.41 1.57 -11.27
N MET B 239 18.10 0.98 -12.24
CA MET B 239 18.70 -0.33 -11.99
C MET B 239 19.61 -0.32 -10.73
N GLN B 240 20.41 0.74 -10.58
CA GLN B 240 21.21 0.93 -9.35
C GLN B 240 20.41 1.23 -8.09
N LEU B 241 19.27 1.88 -8.25
CA LEU B 241 18.36 2.09 -7.12
C LEU B 241 17.82 0.73 -6.68
N LEU B 242 17.39 -0.07 -7.66
CA LEU B 242 16.72 -1.33 -7.38
C LEU B 242 17.71 -2.28 -6.69
N GLU B 243 18.93 -2.36 -7.23
CA GLU B 243 20.03 -3.07 -6.61
C GLU B 243 20.08 -2.79 -5.11
N LYS B 244 20.09 -1.51 -4.76
CA LYS B 244 20.16 -1.15 -3.34
C LYS B 244 18.93 -1.56 -2.54
N ILE B 245 17.75 -1.42 -3.18
CA ILE B 245 16.47 -1.89 -2.64
C ILE B 245 16.52 -3.39 -2.33
N LEU B 246 16.85 -4.18 -3.34
CA LEU B 246 16.87 -5.64 -3.23
C LEU B 246 17.85 -6.10 -2.18
N HIS B 247 18.96 -5.40 -2.12
CA HIS B 247 19.97 -5.66 -1.12
C HIS B 247 19.42 -5.40 0.27
N ASN B 248 18.71 -4.31 0.45
CA ASN B 248 18.17 -4.04 1.79
C ASN B 248 17.07 -5.04 2.16
N ILE B 249 16.35 -5.51 1.13
CA ILE B 249 15.31 -6.50 1.28
C ILE B 249 15.91 -7.80 1.78
N VAL B 250 16.79 -8.41 1.00
CA VAL B 250 17.37 -9.69 1.44
C VAL B 250 18.11 -9.57 2.78
N LYS B 251 18.78 -8.43 2.99
CA LYS B 251 19.42 -8.18 4.28
C LYS B 251 18.40 -8.14 5.42
N THR B 252 17.25 -7.51 5.21
CA THR B 252 16.23 -7.49 6.26
C THR B 252 15.66 -8.89 6.55
N ILE B 253 15.43 -9.66 5.50
CA ILE B 253 14.88 -11.00 5.67
C ILE B 253 15.91 -11.81 6.47
N LYS B 254 17.18 -11.76 6.04
CA LYS B 254 18.30 -12.43 6.75
C LYS B 254 18.51 -12.11 8.23
N GLU B 255 18.20 -10.89 8.64
CA GLU B 255 18.34 -10.49 10.05
C GLU B 255 17.06 -10.58 10.87
N GLU B 256 15.99 -10.03 10.33
CA GLU B 256 14.71 -9.94 11.03
C GLU B 256 13.78 -11.12 10.74
N GLY B 257 14.08 -11.90 9.70
CA GLY B 257 13.35 -13.11 9.44
C GLY B 257 14.13 -14.42 9.54
N LYS B 258 15.11 -14.44 10.43
CA LYS B 258 16.00 -15.57 10.65
C LYS B 258 15.19 -16.82 10.92
N GLU B 259 14.24 -16.67 11.85
CA GLU B 259 13.36 -17.75 12.32
C GLU B 259 12.44 -18.24 11.20
N GLU B 260 11.96 -17.31 10.38
CA GLU B 260 11.04 -17.61 9.29
C GLU B 260 11.75 -18.38 8.19
N LEU B 261 12.94 -17.93 7.83
CA LEU B 261 13.78 -18.67 6.89
C LEU B 261 14.14 -20.09 7.37
N LYS B 262 14.35 -20.20 8.69
CA LYS B 262 14.62 -21.47 9.34
C LYS B 262 13.42 -22.42 9.10
N ILE B 263 12.22 -22.00 9.48
CA ILE B 263 11.01 -22.77 9.18
C ILE B 263 10.88 -23.15 7.69
N LEU B 264 11.39 -22.30 6.82
CA LEU B 264 11.32 -22.50 5.37
C LEU B 264 12.47 -23.31 4.71
N ASN B 265 13.50 -23.61 5.49
CA ASN B 265 14.73 -24.25 4.97
C ASN B 265 15.30 -23.54 3.76
N TYR B 266 15.45 -22.23 3.88
CA TYR B 266 15.71 -21.42 2.70
C TYR B 266 16.66 -20.28 3.02
N GLU B 267 17.50 -19.95 2.05
CA GLU B 267 18.48 -18.88 2.15
C GLU B 267 18.33 -18.07 0.88
N PRO B 268 17.84 -16.83 0.96
CA PRO B 268 17.74 -15.97 -0.23
C PRO B 268 19.11 -15.72 -0.85
N PRO B 269 19.19 -15.51 -2.16
CA PRO B 269 20.51 -15.29 -2.79
C PRO B 269 21.23 -14.09 -2.20
N GLU B 270 22.56 -14.04 -2.35
CA GLU B 270 23.32 -12.82 -2.18
C GLU B 270 23.00 -11.88 -3.34
N VAL B 271 22.84 -10.61 -2.99
CA VAL B 271 22.75 -9.53 -3.96
C VAL B 271 24.15 -8.90 -4.03
N LYS B 272 24.89 -9.32 -5.06
CA LYS B 272 26.21 -8.78 -5.36
C LYS B 272 25.99 -7.54 -6.22
N ILE B 273 26.75 -6.48 -5.95
CA ILE B 273 26.61 -5.20 -6.63
C ILE B 273 27.92 -4.90 -7.35
N PRO B 274 27.88 -4.79 -8.68
CA PRO B 274 26.62 -4.79 -9.43
C PRO B 274 26.09 -6.20 -9.72
N ILE B 275 24.79 -6.29 -9.97
CA ILE B 275 24.22 -7.53 -10.47
C ILE B 275 24.72 -7.70 -11.90
N LYS B 276 25.04 -8.93 -12.30
CA LYS B 276 25.45 -9.19 -13.67
C LYS B 276 24.45 -8.59 -14.68
N ARG B 277 24.96 -7.82 -15.66
CA ARG B 277 24.15 -7.38 -16.81
C ARG B 277 24.50 -8.17 -18.04
N LEU B 278 23.47 -8.61 -18.75
CA LEU B 278 23.64 -9.34 -19.96
C LEU B 278 22.77 -8.66 -20.97
N LYS B 279 23.35 -8.24 -22.09
CA LYS B 279 22.59 -7.62 -23.17
C LYS B 279 21.72 -8.68 -23.80
N TYR B 280 20.56 -8.27 -24.30
CA TYR B 280 19.61 -9.18 -24.93
C TYR B 280 20.29 -9.84 -26.15
N THR B 281 20.98 -9.02 -26.95
CA THR B 281 21.82 -9.45 -28.08
C THR B 281 22.70 -10.67 -27.77
N GLU B 282 23.39 -10.59 -26.65
CA GLU B 282 24.26 -11.62 -26.12
C GLU B 282 23.47 -12.84 -25.64
N ALA B 283 22.33 -12.61 -25.00
CA ALA B 283 21.44 -13.69 -24.58
C ALA B 283 21.00 -14.47 -25.79
N ILE B 284 20.64 -13.76 -26.84
CA ILE B 284 20.25 -14.42 -28.07
C ILE B 284 21.39 -15.31 -28.62
N GLU B 285 22.62 -14.81 -28.58
CA GLU B 285 23.76 -15.61 -29.06
C GLU B 285 24.06 -16.84 -28.19
N ILE B 286 23.94 -16.72 -26.86
CA ILE B 286 24.16 -17.88 -26.00
C ILE B 286 23.16 -18.95 -26.39
N LEU B 287 21.93 -18.53 -26.65
CA LEU B 287 20.89 -19.49 -27.01
C LEU B 287 21.18 -20.14 -28.34
N ARG B 288 21.42 -19.32 -29.35
CA ARG B 288 21.70 -19.79 -30.70
C ARG B 288 22.85 -20.81 -30.73
N SER B 289 23.90 -20.50 -29.98
CA SER B 289 25.11 -21.29 -29.95
C SER B 289 24.94 -22.62 -29.22
N LYS B 290 23.83 -22.77 -28.49
CA LYS B 290 23.45 -24.04 -27.87
C LYS B 290 22.43 -24.79 -28.72
N GLY B 291 22.00 -24.18 -29.83
CA GLY B 291 21.16 -24.84 -30.81
C GLY B 291 19.67 -24.58 -30.81
N TYR B 292 19.23 -23.53 -30.12
CA TYR B 292 17.82 -23.19 -30.06
C TYR B 292 17.47 -22.32 -31.23
N ASN B 293 16.27 -22.54 -31.75
CA ASN B 293 15.79 -21.80 -32.89
C ASN B 293 15.26 -20.43 -32.47
N ILE B 294 16.22 -19.50 -32.29
CA ILE B 294 15.95 -18.18 -31.76
C ILE B 294 16.72 -17.09 -32.53
N LYS B 295 15.96 -16.16 -33.10
CA LYS B 295 16.47 -15.08 -33.93
C LYS B 295 16.41 -13.78 -33.16
N PHE B 296 17.40 -12.91 -33.36
CA PHE B 296 17.26 -11.53 -32.93
C PHE B 296 15.82 -11.00 -33.18
N GLY B 297 15.25 -10.40 -32.14
CA GLY B 297 13.89 -9.90 -32.22
C GLY B 297 12.89 -10.79 -31.51
N ASP B 298 13.20 -12.08 -31.37
CA ASP B 298 12.30 -13.03 -30.70
C ASP B 298 12.25 -12.80 -29.20
N ASP B 299 11.19 -13.28 -28.58
CA ASP B 299 11.03 -13.20 -27.14
C ASP B 299 11.96 -14.20 -26.47
N ILE B 300 12.22 -14.02 -25.19
CA ILE B 300 13.01 -14.95 -24.40
C ILE B 300 12.09 -15.59 -23.35
N GLY B 301 11.55 -16.76 -23.67
CA GLY B 301 10.63 -17.44 -22.80
C GLY B 301 11.29 -18.14 -21.62
N THR B 302 10.44 -18.64 -20.72
CA THR B 302 10.89 -19.39 -19.56
C THR B 302 11.88 -20.48 -19.95
N PRO B 303 11.50 -21.33 -20.92
CA PRO B 303 12.40 -22.38 -21.40
C PRO B 303 13.79 -21.80 -21.68
N GLU B 304 13.88 -20.63 -22.35
CA GLU B 304 15.17 -19.95 -22.58
C GLU B 304 15.86 -19.44 -21.31
N LEU B 305 15.08 -18.88 -20.39
CA LEU B 305 15.62 -18.36 -19.12
C LEU B 305 16.25 -19.48 -18.32
N ARG B 306 15.70 -20.68 -18.43
CA ARG B 306 16.33 -21.85 -17.81
C ARG B 306 17.75 -22.08 -18.31
N ILE B 307 17.93 -22.06 -19.64
CA ILE B 307 19.23 -22.29 -20.24
C ILE B 307 20.13 -21.12 -19.91
N LEU B 308 19.57 -19.90 -19.95
CA LEU B 308 20.35 -18.72 -19.59
C LEU B 308 20.86 -18.84 -18.16
N ASN B 309 19.98 -19.26 -17.28
CA ASN B 309 20.32 -19.52 -15.88
C ASN B 309 21.38 -20.62 -15.75
N GLU B 310 21.15 -21.74 -16.46
CA GLU B 310 22.09 -22.87 -16.46
C GLU B 310 23.49 -22.53 -17.03
N GLU B 311 23.61 -21.37 -17.69
CA GLU B 311 24.83 -21.00 -18.40
C GLU B 311 25.59 -19.84 -17.78
N LEU B 312 24.89 -19.04 -16.98
CA LEU B 312 25.48 -17.83 -16.45
C LEU B 312 26.18 -18.05 -15.13
N LYS B 313 25.82 -19.13 -14.44
CA LYS B 313 26.38 -19.39 -13.11
C LYS B 313 25.99 -18.23 -12.17
N GLU B 314 24.94 -17.53 -12.59
CA GLU B 314 24.31 -16.48 -11.81
C GLU B 314 22.83 -16.76 -11.73
N ASP B 315 22.28 -16.66 -10.53
CA ASP B 315 20.84 -16.77 -10.31
C ASP B 315 20.14 -15.42 -10.51
N LEU B 316 20.91 -14.34 -10.44
CA LEU B 316 20.34 -13.02 -10.38
C LEU B 316 21.05 -12.12 -11.37
N TYR B 317 20.37 -11.84 -12.48
CA TYR B 317 20.93 -11.06 -13.55
C TYR B 317 19.86 -10.18 -14.22
N PHE B 318 20.27 -9.04 -14.75
CA PHE B 318 19.43 -8.21 -15.60
C PHE B 318 19.57 -8.63 -17.06
N ILE B 319 18.47 -8.70 -17.80
CA ILE B 319 18.54 -8.65 -19.26
C ILE B 319 18.18 -7.25 -19.78
N VAL B 320 19.22 -6.51 -20.17
CA VAL B 320 19.14 -5.12 -20.61
C VAL B 320 19.10 -4.92 -22.14
N ASP B 321 18.77 -3.71 -22.56
CA ASP B 321 18.81 -3.34 -23.96
C ASP B 321 17.99 -4.27 -24.90
N TRP B 322 16.71 -4.51 -24.60
CA TRP B 322 15.83 -5.25 -25.53
C TRP B 322 15.54 -4.52 -26.89
N PRO B 323 15.08 -5.24 -27.93
CA PRO B 323 14.56 -4.58 -29.14
C PRO B 323 13.39 -3.64 -28.86
N SER B 324 13.45 -2.45 -29.47
CA SER B 324 12.44 -1.42 -29.30
C SER B 324 11.11 -1.95 -29.74
N ASP B 325 11.13 -2.87 -30.68
CA ASP B 325 9.95 -3.38 -31.33
C ASP B 325 9.16 -4.30 -30.39
N ALA B 326 9.78 -4.73 -29.30
CA ALA B 326 9.14 -5.61 -28.31
C ALA B 326 8.81 -4.93 -26.96
N ARG B 327 8.93 -3.61 -26.90
CA ARG B 327 8.75 -2.86 -25.66
C ARG B 327 7.73 -1.76 -25.93
N PRO B 328 7.02 -1.27 -24.91
CA PRO B 328 6.00 -0.23 -25.11
C PRO B 328 6.45 1.00 -25.88
N PHE B 329 5.48 1.76 -26.37
CA PHE B 329 5.74 3.03 -27.05
C PHE B 329 6.35 4.06 -26.09
N TYR B 330 6.16 3.86 -24.79
CA TYR B 330 6.59 4.87 -23.83
C TYR B 330 8.07 4.68 -23.44
N THR B 331 8.71 3.65 -23.99
CA THR B 331 10.11 3.30 -23.69
C THR B 331 11.10 3.99 -24.66
N LYS B 332 12.07 4.72 -24.11
CA LYS B 332 13.08 5.42 -24.93
C LYS B 332 13.94 4.42 -25.72
N SER B 333 14.19 4.71 -27.00
CA SER B 333 15.03 3.86 -27.84
C SER B 333 16.48 4.25 -27.62
N LYS B 334 17.41 3.40 -28.03
CA LYS B 334 18.82 3.76 -27.88
C LYS B 334 19.19 4.73 -28.99
N SER B 335 19.99 5.74 -28.63
CA SER B 335 20.44 6.81 -29.53
C SER B 335 21.39 6.27 -30.59
N GLU B 336 22.36 5.47 -30.14
CA GLU B 336 23.33 4.78 -31.01
C GLU B 336 22.76 3.62 -31.86
N ASN B 337 21.52 3.19 -31.57
CA ASN B 337 20.77 2.23 -32.41
C ASN B 337 19.26 2.20 -32.11
N PRO B 338 18.47 2.71 -33.03
CA PRO B 338 17.01 2.77 -32.84
C PRO B 338 16.33 1.40 -32.66
N GLU B 339 17.00 0.33 -33.10
CA GLU B 339 16.43 -1.00 -33.06
C GLU B 339 16.39 -1.56 -31.63
N LEU B 340 17.29 -1.07 -30.78
CA LEU B 340 17.36 -1.46 -29.37
C LEU B 340 16.66 -0.45 -28.45
N SER B 341 16.44 -0.80 -27.19
CA SER B 341 15.74 0.09 -26.29
C SER B 341 16.41 0.17 -24.94
N GLU B 342 16.21 1.28 -24.26
CA GLU B 342 16.81 1.47 -22.95
C GLU B 342 15.92 0.79 -21.89
N SER B 343 15.91 -0.54 -21.91
CA SER B 343 15.04 -1.31 -21.03
C SER B 343 15.79 -2.41 -20.35
N PHE B 344 15.19 -2.95 -19.30
CA PHE B 344 15.74 -4.12 -18.60
C PHE B 344 14.66 -5.02 -18.05
N ASP B 345 14.93 -6.31 -17.99
CA ASP B 345 14.23 -7.21 -17.08
C ASP B 345 15.21 -7.64 -16.00
N LEU B 346 14.73 -7.79 -14.76
CA LEU B 346 15.52 -8.50 -13.75
C LEU B 346 14.98 -9.91 -13.60
N ILE B 347 15.85 -10.88 -13.88
CA ILE B 347 15.56 -12.30 -13.70
C ILE B 347 16.19 -12.87 -12.45
N TYR B 348 15.39 -13.63 -11.71
CA TYR B 348 15.90 -14.56 -10.70
C TYR B 348 15.73 -16.01 -11.14
N LYS B 349 16.87 -16.67 -11.38
CA LYS B 349 16.96 -17.98 -12.08
C LYS B 349 16.24 -18.04 -13.43
N PHE B 350 14.97 -18.44 -13.45
CA PHE B 350 14.19 -18.39 -14.68
C PHE B 350 12.89 -17.63 -14.50
N LEU B 351 12.82 -16.73 -13.53
CA LEU B 351 11.59 -15.96 -13.31
C LEU B 351 11.84 -14.46 -13.46
N GLU B 352 10.95 -13.77 -14.16
CA GLU B 352 11.07 -12.32 -14.30
C GLU B 352 10.50 -11.67 -13.05
N ILE B 353 11.27 -10.79 -12.44
CA ILE B 353 10.87 -10.28 -11.14
C ILE B 353 10.52 -8.82 -11.30
N VAL B 354 11.21 -8.15 -12.21
CA VAL B 354 11.07 -6.72 -12.39
C VAL B 354 11.19 -6.43 -13.86
N SER B 355 10.42 -5.46 -14.37
CA SER B 355 10.73 -4.81 -15.63
C SER B 355 10.76 -3.28 -15.50
N GLY B 356 11.69 -2.62 -16.19
CA GLY B 356 11.67 -1.18 -16.29
C GLY B 356 12.39 -0.56 -17.50
N SER B 357 12.45 0.77 -17.56
CA SER B 357 13.13 1.46 -18.67
C SER B 357 13.32 2.95 -18.49
N THR B 358 13.97 3.55 -19.49
CA THR B 358 14.02 4.98 -19.62
C THR B 358 12.82 5.28 -20.49
N ARG B 359 12.11 6.35 -20.17
CA ARG B 359 10.87 6.62 -20.90
C ARG B 359 11.11 7.71 -21.93
N ASN B 360 10.18 7.84 -22.87
CA ASN B 360 10.13 9.02 -23.71
C ASN B 360 9.57 10.22 -22.93
N HIS B 361 9.83 11.43 -23.41
CA HIS B 361 9.34 12.64 -22.74
C HIS B 361 8.97 13.76 -23.70
N LYS B 362 9.14 13.51 -25.00
CA LYS B 362 8.63 14.43 -26.01
C LYS B 362 7.41 13.80 -26.69
N ARG B 363 6.40 14.63 -26.92
CA ARG B 363 5.17 14.22 -27.61
C ARG B 363 5.46 13.58 -28.99
N GLU B 364 6.36 14.20 -29.75
CA GLU B 364 6.73 13.72 -31.10
C GLU B 364 7.36 12.32 -31.11
N VAL B 365 8.33 12.06 -30.25
CA VAL B 365 8.91 10.72 -30.21
C VAL B 365 7.87 9.70 -29.70
N LEU B 366 7.06 10.08 -28.72
CA LEU B 366 5.95 9.22 -28.30
C LEU B 366 5.02 8.93 -29.47
N GLU B 367 4.69 9.96 -30.25
CA GLU B 367 3.71 9.82 -31.33
C GLU B 367 4.25 8.98 -32.46
N GLU B 368 5.54 9.11 -32.73
CA GLU B 368 6.22 8.29 -33.72
C GLU B 368 6.20 6.82 -33.25
N ALA B 369 6.54 6.58 -32.00
CA ALA B 369 6.58 5.21 -31.46
C ALA B 369 5.24 4.50 -31.63
N LEU B 370 4.17 5.20 -31.29
CA LEU B 370 2.82 4.71 -31.54
C LEU B 370 2.56 4.35 -33.01
N LYS B 371 3.04 5.17 -33.92
CA LYS B 371 2.86 4.85 -35.33
C LYS B 371 3.65 3.57 -35.69
N LYS B 372 4.90 3.50 -35.26
CA LYS B 372 5.78 2.37 -35.53
C LYS B 372 5.23 1.05 -35.01
N LYS B 373 4.11 1.10 -34.29
CA LYS B 373 3.45 -0.10 -33.75
C LYS B 373 2.04 -0.24 -34.33
N GLY B 374 1.74 0.61 -35.32
CA GLY B 374 0.47 0.60 -36.01
C GLY B 374 -0.72 1.08 -35.20
N LEU B 375 -0.46 1.82 -34.12
CA LEU B 375 -1.55 2.40 -33.35
C LEU B 375 -1.90 3.81 -33.84
N LYS B 376 -3.16 4.19 -33.66
CA LYS B 376 -3.61 5.53 -34.02
C LYS B 376 -3.22 6.49 -32.88
N PRO B 377 -2.39 7.48 -33.17
CA PRO B 377 -1.96 8.44 -32.15
C PRO B 377 -3.15 9.14 -31.46
N GLU B 378 -4.13 9.59 -32.25
CA GLU B 378 -5.30 10.32 -31.74
C GLU B 378 -6.12 9.58 -30.68
N SER B 379 -5.87 8.28 -30.55
CA SER B 379 -6.60 7.46 -29.60
C SER B 379 -5.84 7.27 -28.29
N PHE B 380 -4.65 7.86 -28.21
CA PHE B 380 -3.83 7.92 -26.99
C PHE B 380 -3.59 9.34 -26.52
N GLU B 381 -4.50 10.23 -26.90
CA GLU B 381 -4.45 11.64 -26.53
C GLU B 381 -4.40 11.79 -25.00
N PHE B 382 -5.15 10.93 -24.29
CA PHE B 382 -5.16 10.88 -22.84
C PHE B 382 -3.76 10.67 -22.21
N PHE B 383 -2.84 10.10 -22.99
CA PHE B 383 -1.47 9.89 -22.55
C PHE B 383 -0.53 10.97 -23.11
N LEU B 384 -0.70 11.29 -24.39
CA LEU B 384 0.13 12.27 -25.07
C LEU B 384 0.07 13.70 -24.54
N LYS B 385 -1.14 14.15 -24.18
CA LYS B 385 -1.40 15.55 -23.84
C LYS B 385 -0.50 16.12 -22.76
N TRP B 386 -0.22 15.30 -21.74
CA TRP B 386 0.51 15.75 -20.56
C TRP B 386 1.91 16.20 -20.92
N PHE B 387 2.46 15.63 -21.99
CA PHE B 387 3.83 15.92 -22.48
C PHE B 387 3.97 17.23 -23.28
N ASP B 388 2.88 17.97 -23.44
CA ASP B 388 2.97 19.32 -24.00
C ASP B 388 3.48 20.33 -22.99
N TYR B 389 3.47 19.96 -21.71
CA TYR B 389 3.76 20.94 -20.69
C TYR B 389 4.89 20.57 -19.73
N GLY B 390 6.05 20.28 -20.33
CA GLY B 390 7.29 20.05 -19.60
C GLY B 390 7.39 18.73 -18.85
N MET B 391 7.29 17.61 -19.54
CA MET B 391 7.55 16.37 -18.83
C MET B 391 9.06 16.20 -18.82
N PRO B 392 9.67 15.87 -17.68
CA PRO B 392 11.13 15.72 -17.62
C PRO B 392 11.56 14.34 -18.12
N PRO B 393 12.85 14.14 -18.32
CA PRO B 393 13.35 12.80 -18.58
C PRO B 393 13.13 12.03 -17.30
N HIS B 394 12.60 10.83 -17.43
CA HIS B 394 12.37 10.00 -16.28
C HIS B 394 12.56 8.54 -16.64
N ALA B 395 12.51 7.68 -15.62
CA ALA B 395 12.71 6.25 -15.76
C ALA B 395 12.06 5.57 -14.59
N GLY B 396 11.58 4.35 -14.79
CA GLY B 396 10.96 3.63 -13.70
C GLY B 396 10.93 2.14 -13.88
N PHE B 397 10.45 1.47 -12.85
CA PHE B 397 10.27 0.03 -12.92
C PHE B 397 9.05 -0.45 -12.11
N GLY B 398 8.70 -1.70 -12.34
CA GLY B 398 7.65 -2.38 -11.60
C GLY B 398 8.20 -3.76 -11.30
N MET B 399 8.04 -4.15 -10.03
CA MET B 399 8.37 -5.46 -9.53
C MET B 399 7.10 -6.11 -8.97
N GLY B 400 6.94 -7.41 -9.24
CA GLY B 400 5.84 -8.14 -8.71
C GLY B 400 6.15 -8.62 -7.32
N LEU B 401 5.32 -8.25 -6.35
CA LEU B 401 5.52 -8.72 -5.02
C LEU B 401 5.61 -10.24 -4.92
N ALA B 402 4.62 -10.95 -5.42
CA ALA B 402 4.65 -12.37 -5.17
C ALA B 402 5.77 -13.10 -5.93
N ARG B 403 6.17 -12.55 -7.10
CA ARG B 403 7.31 -13.10 -7.79
C ARG B 403 8.56 -12.86 -6.93
N LEU B 404 8.71 -11.66 -6.36
CA LEU B 404 9.84 -11.34 -5.47
C LEU B 404 9.80 -12.27 -4.30
N MET B 405 8.60 -12.71 -3.92
CA MET B 405 8.54 -13.62 -2.79
C MET B 405 9.20 -15.01 -3.03
N VAL B 406 9.21 -15.47 -4.30
CA VAL B 406 9.89 -16.71 -4.68
C VAL B 406 11.38 -16.62 -4.36
N MET B 407 11.98 -15.48 -4.69
CA MET B 407 13.38 -15.22 -4.38
C MET B 407 13.59 -15.13 -2.85
N LEU B 408 12.57 -14.77 -2.10
CA LEU B 408 12.74 -14.63 -0.65
C LEU B 408 12.29 -15.81 0.20
N THR B 409 11.73 -16.86 -0.41
CA THR B 409 11.20 -17.97 0.39
C THR B 409 11.54 -19.34 -0.16
N GLY B 410 11.78 -19.39 -1.48
CA GLY B 410 11.94 -20.67 -2.14
C GLY B 410 10.65 -21.28 -2.68
N ILE B 411 9.49 -20.75 -2.26
CA ILE B 411 8.21 -21.31 -2.76
C ILE B 411 8.07 -21.10 -4.24
N GLN B 412 7.87 -22.21 -4.93
CA GLN B 412 7.75 -22.24 -6.39
C GLN B 412 6.29 -22.14 -6.87
N SER B 413 5.37 -21.74 -6.02
CA SER B 413 4.00 -21.51 -6.51
C SER B 413 3.42 -20.21 -5.97
N VAL B 414 2.95 -19.37 -6.88
CA VAL B 414 2.29 -18.12 -6.53
C VAL B 414 0.99 -18.32 -5.74
N LYS B 415 0.37 -19.48 -5.88
CA LYS B 415 -0.88 -19.72 -5.15
C LYS B 415 -0.52 -20.19 -3.77
N GLU B 416 0.73 -20.51 -3.59
CA GLU B 416 1.23 -20.81 -2.27
C GLU B 416 1.76 -19.55 -1.54
N ILE B 417 1.92 -18.44 -2.26
CA ILE B 417 2.40 -17.21 -1.63
C ILE B 417 1.23 -16.27 -1.32
N VAL B 418 0.31 -16.14 -2.30
CA VAL B 418 -0.78 -15.19 -2.14
C VAL B 418 -1.87 -15.88 -1.31
N PRO B 419 -2.24 -15.28 -0.17
CA PRO B 419 -3.13 -15.95 0.75
C PRO B 419 -4.51 -16.12 0.07
N PHE B 420 -4.94 -15.19 -0.77
CA PHE B 420 -6.25 -15.37 -1.45
C PHE B 420 -6.17 -15.15 -2.94
N PRO B 421 -5.70 -16.17 -3.66
CA PRO B 421 -5.37 -16.01 -5.08
C PRO B 421 -6.61 -15.78 -5.95
N ARG B 422 -6.42 -15.03 -7.04
CA ARG B 422 -7.42 -14.84 -8.05
C ARG B 422 -6.84 -15.29 -9.37
N ASP B 423 -7.58 -16.16 -10.07
CA ASP B 423 -7.39 -16.44 -11.51
C ASP B 423 -8.67 -16.97 -12.19
N LYS B 424 -8.51 -17.53 -13.40
CA LYS B 424 -9.64 -17.94 -14.23
C LYS B 424 -10.55 -18.99 -13.61
N LYS B 425 -10.02 -19.76 -12.65
CA LYS B 425 -10.82 -20.80 -12.00
C LYS B 425 -10.98 -20.56 -10.51
N ARG B 426 -10.54 -19.39 -10.06
CA ARG B 426 -10.41 -19.10 -8.64
C ARG B 426 -10.84 -17.67 -8.32
N LEU B 427 -11.92 -17.59 -7.56
CA LEU B 427 -12.56 -16.35 -7.23
C LEU B 427 -12.94 -16.42 -5.78
N THR B 428 -13.07 -17.62 -5.23
CA THR B 428 -13.38 -17.71 -3.79
C THR B 428 -12.63 -18.85 -3.10
N PRO B 429 -12.12 -18.64 -1.87
CA PRO B 429 -12.39 -17.44 -1.09
C PRO B 429 -11.62 -16.28 -1.72
#